data_5OCN
#
_entry.id   5OCN
#
_cell.length_a   42.141
_cell.length_b   78.203
_cell.length_c   263.479
_cell.angle_alpha   90.00
_cell.angle_beta   90.00
_cell.angle_gamma   90.00
#
_symmetry.space_group_name_H-M   'P 21 21 21'
#
loop_
_entity.id
_entity.type
_entity.pdbx_description
1 polymer 'Forkhead box protein N1'
2 non-polymer 'POTASSIUM ION'
3 water water
#
_entity_poly.entity_id   1
_entity_poly.type   'polypeptide(L)'
_entity_poly.pdbx_seq_one_letter_code
;SMPKPIYSYSILIFMALKNSKTGSLPVSEIYNFMTEHFPYFKTAPDGWKNSVRHNLSLNKCFEKVENKSGSSSRKGCLWA
LNPAKIDKMQEELQKWKRK
;
_entity_poly.pdbx_strand_id   A,B,C,D,E,F,G,H
#
loop_
_chem_comp.id
_chem_comp.type
_chem_comp.name
_chem_comp.formula
K non-polymer 'POTASSIUM ION' 'K 1'
#
# COMPACT_ATOMS: atom_id res chain seq x y z
N PRO A 3 48.88 -9.41 -12.09
CA PRO A 3 47.86 -10.04 -12.94
C PRO A 3 47.07 -9.01 -13.74
N LYS A 4 47.59 -8.64 -14.91
CA LYS A 4 46.94 -7.64 -15.73
C LYS A 4 45.54 -8.10 -16.13
N PRO A 5 44.56 -7.21 -16.17
CA PRO A 5 43.23 -7.61 -16.63
C PRO A 5 43.24 -7.94 -18.10
N ILE A 6 42.48 -8.96 -18.47
CA ILE A 6 42.34 -9.35 -19.86
C ILE A 6 41.40 -8.41 -20.57
N TYR A 7 41.56 -7.10 -20.35
CA TYR A 7 40.60 -6.10 -20.81
C TYR A 7 41.32 -4.88 -21.35
N SER A 8 40.66 -4.22 -22.31
CA SER A 8 41.08 -2.94 -22.85
C SER A 8 40.64 -1.80 -21.93
N TYR A 9 41.30 -0.66 -22.06
CA TYR A 9 40.95 0.50 -21.23
C TYR A 9 39.55 1.00 -21.54
N SER A 10 39.16 1.00 -22.82
CA SER A 10 37.81 1.42 -23.19
C SER A 10 36.76 0.51 -22.57
N ILE A 11 37.03 -0.80 -22.53
CA ILE A 11 36.09 -1.73 -21.91
C ILE A 11 35.99 -1.45 -20.41
N LEU A 12 37.12 -1.23 -19.76
CA LEU A 12 37.12 -0.96 -18.33
C LEU A 12 36.41 0.36 -18.01
N ILE A 13 36.63 1.38 -18.84
CA ILE A 13 35.90 2.64 -18.65
C ILE A 13 34.42 2.43 -18.90
N PHE A 14 34.09 1.57 -19.88
CA PHE A 14 32.69 1.28 -20.16
C PHE A 14 32.01 0.56 -19.00
N MET A 15 32.75 -0.28 -18.27
CA MET A 15 32.18 -0.93 -17.11
C MET A 15 31.90 0.07 -16.00
N ALA A 16 32.83 0.98 -15.75
CA ALA A 16 32.63 1.97 -14.69
C ALA A 16 31.44 2.87 -14.99
N LEU A 17 31.29 3.30 -16.24
CA LEU A 17 30.24 4.25 -16.57
C LEU A 17 28.87 3.57 -16.62
N LYS A 18 28.81 2.36 -17.15
CA LYS A 18 27.52 1.65 -17.19
C LYS A 18 27.09 1.18 -15.81
N ASN A 19 28.03 1.06 -14.87
CA ASN A 19 27.70 0.75 -13.48
C ASN A 19 27.22 1.98 -12.72
N SER A 20 27.27 3.16 -13.33
CA SER A 20 26.78 4.38 -12.72
C SER A 20 25.28 4.55 -13.00
N LYS A 21 24.55 5.02 -11.99
CA LYS A 21 23.11 5.21 -12.14
C LYS A 21 22.79 6.22 -13.24
N THR A 22 23.64 7.21 -13.45
CA THR A 22 23.44 8.22 -14.47
C THR A 22 24.25 7.96 -15.74
N GLY A 23 24.98 6.84 -15.80
CA GLY A 23 25.85 6.60 -16.93
C GLY A 23 27.01 7.55 -17.04
N SER A 24 27.30 8.32 -15.99
CA SER A 24 28.37 9.30 -16.01
C SER A 24 29.08 9.31 -14.66
N LEU A 25 30.38 9.56 -14.70
CA LEU A 25 31.22 9.60 -13.51
C LEU A 25 32.33 10.62 -13.72
N PRO A 26 32.85 11.22 -12.66
CA PRO A 26 34.09 11.98 -12.79
C PRO A 26 35.27 11.03 -12.98
N VAL A 27 36.40 11.61 -13.38
CA VAL A 27 37.59 10.80 -13.67
C VAL A 27 38.07 10.06 -12.43
N SER A 28 37.88 10.66 -11.25
CA SER A 28 38.33 10.02 -10.02
C SER A 28 37.54 8.76 -9.70
N GLU A 29 36.25 8.76 -10.01
CA GLU A 29 35.43 7.58 -9.74
C GLU A 29 35.80 6.41 -10.65
N ILE A 30 36.25 6.70 -11.88
CA ILE A 30 36.68 5.63 -12.78
C ILE A 30 37.89 4.91 -12.19
N TYR A 31 38.82 5.67 -11.60
CA TYR A 31 39.97 5.05 -10.93
C TYR A 31 39.51 4.16 -9.79
N ASN A 32 38.61 4.67 -8.95
CA ASN A 32 38.14 3.89 -7.80
C ASN A 32 37.47 2.59 -8.25
N PHE A 33 36.70 2.65 -9.34
CA PHE A 33 36.07 1.44 -9.87
C PHE A 33 37.13 0.43 -10.33
N MET A 34 38.13 0.91 -11.06
CA MET A 34 39.14 0.00 -11.60
C MET A 34 40.01 -0.59 -10.50
N THR A 35 40.32 0.21 -9.47
CA THR A 35 41.11 -0.31 -8.36
C THR A 35 40.31 -1.24 -7.47
N GLU A 36 38.99 -1.04 -7.39
CA GLU A 36 38.17 -1.89 -6.54
C GLU A 36 37.89 -3.24 -7.19
N HIS A 37 37.47 -3.23 -8.46
CA HIS A 37 37.11 -4.46 -9.15
C HIS A 37 38.28 -5.17 -9.80
N PHE A 38 39.40 -4.47 -10.02
CA PHE A 38 40.59 -5.06 -10.62
C PHE A 38 41.80 -4.69 -9.77
N PRO A 39 42.21 -5.55 -8.85
CA PRO A 39 43.30 -5.20 -7.92
C PRO A 39 44.64 -4.99 -8.60
N TYR A 40 44.77 -5.29 -9.90
CA TYR A 40 46.03 -5.05 -10.58
C TYR A 40 46.40 -3.57 -10.57
N PHE A 41 45.40 -2.70 -10.68
CA PHE A 41 45.69 -1.26 -10.74
C PHE A 41 46.07 -0.67 -9.40
N LYS A 42 45.86 -1.40 -8.30
CA LYS A 42 46.31 -0.90 -7.00
C LYS A 42 47.83 -0.77 -6.95
N THR A 43 48.54 -1.70 -7.60
CA THR A 43 50.00 -1.70 -7.62
C THR A 43 50.56 -1.62 -9.03
N ALA A 44 49.74 -1.24 -10.01
CA ALA A 44 50.22 -1.12 -11.37
C ALA A 44 51.16 0.08 -11.50
N PRO A 45 52.13 0.01 -12.42
CA PRO A 45 53.03 1.15 -12.62
C PRO A 45 52.29 2.37 -13.11
N ASP A 46 52.87 3.54 -12.85
CA ASP A 46 52.22 4.79 -13.19
C ASP A 46 52.11 4.94 -14.71
N GLY A 47 51.10 5.68 -15.14
CA GLY A 47 50.77 5.84 -16.55
C GLY A 47 49.43 5.29 -16.94
N TRP A 48 48.87 4.35 -16.16
CA TRP A 48 47.55 3.83 -16.48
C TRP A 48 46.47 4.86 -16.24
N LYS A 49 46.65 5.74 -15.25
CA LYS A 49 45.71 6.84 -15.05
C LYS A 49 45.71 7.77 -16.26
N ASN A 50 46.90 8.04 -16.82
CA ASN A 50 46.97 8.83 -18.04
C ASN A 50 46.39 8.08 -19.23
N SER A 51 46.46 6.74 -19.20
CA SER A 51 45.84 5.95 -20.26
C SER A 51 44.33 6.04 -20.21
N VAL A 52 43.76 6.14 -19.01
CA VAL A 52 42.31 6.28 -18.88
C VAL A 52 41.85 7.60 -19.47
N ARG A 53 42.60 8.68 -19.23
CA ARG A 53 42.22 9.98 -19.78
C ARG A 53 42.41 10.04 -21.28
N HIS A 54 43.37 9.28 -21.81
CA HIS A 54 43.54 9.21 -23.27
C HIS A 54 42.36 8.51 -23.92
N ASN A 55 41.94 7.36 -23.37
CA ASN A 55 40.84 6.61 -23.96
C ASN A 55 39.52 7.36 -23.82
N LEU A 56 39.38 8.19 -22.79
CA LEU A 56 38.19 9.03 -22.66
C LEU A 56 38.09 10.00 -23.83
N SER A 57 39.19 10.67 -24.17
CA SER A 57 39.16 11.64 -25.26
C SER A 57 39.14 10.98 -26.63
N LEU A 58 39.78 9.82 -26.76
CA LEU A 58 39.95 9.22 -28.08
C LEU A 58 38.73 8.41 -28.50
N ASN A 59 38.09 7.71 -27.57
CA ASN A 59 36.95 6.86 -27.90
C ASN A 59 35.69 7.70 -27.97
N LYS A 60 34.91 7.51 -29.05
CA LYS A 60 33.68 8.27 -29.24
C LYS A 60 32.59 7.87 -28.27
N CYS A 61 32.71 6.71 -27.62
CA CYS A 61 31.66 6.25 -26.71
C CYS A 61 31.54 7.14 -25.49
N PHE A 62 32.63 7.78 -25.07
CA PHE A 62 32.64 8.62 -23.90
C PHE A 62 32.62 10.09 -24.31
N GLU A 63 31.71 10.86 -23.71
CA GLU A 63 31.53 12.26 -24.05
C GLU A 63 31.64 13.11 -22.80
N LYS A 64 32.26 14.29 -22.94
CA LYS A 64 32.41 15.22 -21.84
C LYS A 64 31.12 16.04 -21.68
N VAL A 65 30.58 16.06 -20.47
CA VAL A 65 29.39 16.86 -20.18
C VAL A 65 29.83 18.26 -19.76
N GLU A 66 29.06 19.26 -20.16
CA GLU A 66 29.40 20.65 -19.87
C GLU A 66 28.36 21.29 -18.96
N GLY A 76 37.85 18.60 -12.39
CA GLY A 76 37.05 17.43 -12.09
C GLY A 76 35.66 17.48 -12.69
N CYS A 77 35.57 17.18 -13.98
CA CYS A 77 34.32 17.15 -14.73
C CYS A 77 33.77 15.72 -14.74
N LEU A 78 32.70 15.51 -15.52
CA LEU A 78 32.05 14.22 -15.63
C LEU A 78 32.16 13.71 -17.06
N TRP A 79 32.28 12.39 -17.20
CA TRP A 79 32.30 11.72 -18.49
C TRP A 79 31.11 10.78 -18.58
N ALA A 80 30.30 10.93 -19.63
CA ALA A 80 29.09 10.16 -19.80
C ALA A 80 29.19 9.24 -21.00
N LEU A 81 28.33 8.22 -21.01
CA LEU A 81 28.24 7.31 -22.14
C LEU A 81 27.37 7.90 -23.23
N ASN A 82 27.82 7.77 -24.47
CA ASN A 82 27.00 8.16 -25.61
C ASN A 82 26.00 7.04 -25.89
N PRO A 83 24.70 7.30 -25.81
CA PRO A 83 23.72 6.22 -26.06
C PRO A 83 23.86 5.59 -27.43
N ALA A 84 24.34 6.33 -28.42
CA ALA A 84 24.47 5.78 -29.77
C ALA A 84 25.57 4.73 -29.86
N LYS A 85 26.52 4.72 -28.93
CA LYS A 85 27.65 3.80 -28.98
C LYS A 85 27.57 2.71 -27.92
N ILE A 86 26.46 2.61 -27.18
CA ILE A 86 26.37 1.64 -26.10
C ILE A 86 26.21 0.23 -26.65
N ASP A 87 25.41 0.07 -27.71
CA ASP A 87 25.21 -1.26 -28.27
C ASP A 87 26.50 -1.85 -28.82
N LYS A 88 27.34 -1.00 -29.45
CA LYS A 88 28.61 -1.49 -30.00
C LYS A 88 29.59 -1.82 -28.88
N MET A 89 29.70 -0.94 -27.88
CA MET A 89 30.57 -1.22 -26.75
C MET A 89 30.08 -2.41 -25.93
N GLN A 90 28.77 -2.62 -25.85
CA GLN A 90 28.27 -3.80 -25.15
C GLN A 90 28.71 -5.08 -25.86
N GLU A 91 28.56 -5.12 -27.18
CA GLU A 91 28.99 -6.31 -27.93
C GLU A 91 30.49 -6.56 -27.75
N GLU A 92 31.29 -5.50 -27.70
CA GLU A 92 32.72 -5.67 -27.40
C GLU A 92 32.92 -6.19 -25.98
N LEU A 93 32.08 -5.77 -25.04
CA LEU A 93 32.17 -6.28 -23.67
C LEU A 93 31.91 -7.78 -23.63
N GLN A 94 30.88 -8.25 -24.34
CA GLN A 94 30.51 -9.67 -24.24
C GLN A 94 31.59 -10.58 -24.83
N LYS A 95 32.23 -10.14 -25.91
CA LYS A 95 33.27 -10.95 -26.54
C LYS A 95 34.38 -11.29 -25.55
N TRP A 96 34.67 -10.39 -24.61
CA TRP A 96 35.82 -10.55 -23.74
C TRP A 96 35.46 -10.99 -22.34
N LYS A 97 34.17 -11.04 -22.00
CA LYS A 97 33.72 -11.65 -20.75
C LYS A 97 33.95 -13.14 -20.77
N PRO B 3 -2.53 16.28 -34.45
CA PRO B 3 -2.20 14.86 -34.33
C PRO B 3 -1.25 14.57 -33.18
N LYS B 4 -1.79 14.29 -31.99
CA LYS B 4 -0.94 14.04 -30.84
C LYS B 4 -0.13 12.77 -31.05
N PRO B 5 1.19 12.84 -30.87
CA PRO B 5 2.00 11.61 -30.93
C PRO B 5 1.56 10.62 -29.87
N ILE B 6 1.50 9.35 -30.26
CA ILE B 6 0.88 8.32 -29.42
C ILE B 6 1.93 7.60 -28.59
N TYR B 7 3.07 8.25 -28.38
CA TYR B 7 4.04 7.78 -27.40
C TYR B 7 3.69 8.33 -26.03
N SER B 8 4.00 7.54 -24.99
CA SER B 8 3.81 7.98 -23.62
C SER B 8 4.89 9.00 -23.25
N TYR B 9 4.74 9.61 -22.08
CA TYR B 9 5.70 10.61 -21.64
C TYR B 9 7.07 10.00 -21.34
N SER B 10 7.09 8.75 -20.91
CA SER B 10 8.36 8.09 -20.64
C SER B 10 9.12 7.81 -21.93
N ILE B 11 8.41 7.47 -22.99
CA ILE B 11 9.06 7.21 -24.27
C ILE B 11 9.57 8.51 -24.89
N LEU B 12 8.77 9.58 -24.80
CA LEU B 12 9.20 10.87 -25.35
C LEU B 12 10.41 11.40 -24.61
N ILE B 13 10.45 11.26 -23.28
CA ILE B 13 11.65 11.64 -22.54
C ILE B 13 12.81 10.74 -22.92
N PHE B 14 12.55 9.43 -23.11
CA PHE B 14 13.60 8.51 -23.51
C PHE B 14 14.19 8.89 -24.86
N MET B 15 13.33 9.25 -25.81
CA MET B 15 13.82 9.68 -27.13
C MET B 15 14.68 10.94 -27.01
N ALA B 16 14.29 11.86 -26.15
CA ALA B 16 15.06 13.09 -25.99
C ALA B 16 16.45 12.81 -25.47
N LEU B 17 16.56 12.04 -24.39
CA LEU B 17 17.87 11.76 -23.81
C LEU B 17 18.70 10.83 -24.68
N LYS B 18 18.04 9.94 -25.42
CA LYS B 18 18.78 9.02 -26.29
C LYS B 18 19.46 9.75 -27.44
N ASN B 19 18.86 10.84 -27.92
CA ASN B 19 19.44 11.67 -28.97
C ASN B 19 20.39 12.73 -28.42
N SER B 20 20.80 12.61 -27.16
CA SER B 20 21.79 13.49 -26.58
C SER B 20 23.14 12.77 -26.55
N LYS B 21 24.19 13.50 -26.91
CA LYS B 21 25.52 12.88 -26.99
C LYS B 21 25.97 12.34 -25.63
N THR B 22 25.49 12.92 -24.55
CA THR B 22 25.83 12.49 -23.21
C THR B 22 24.71 11.71 -22.53
N GLY B 23 23.63 11.42 -23.26
CA GLY B 23 22.47 10.79 -22.66
C GLY B 23 21.82 11.60 -21.57
N SER B 24 22.11 12.90 -21.48
CA SER B 24 21.56 13.74 -20.44
C SER B 24 21.17 15.09 -21.00
N LEU B 25 20.07 15.64 -20.49
CA LEU B 25 19.59 16.96 -20.87
C LEU B 25 19.00 17.65 -19.65
N PRO B 26 19.03 18.98 -19.61
CA PRO B 26 18.21 19.69 -18.62
C PRO B 26 16.74 19.61 -18.99
N VAL B 27 15.89 19.96 -18.03
CA VAL B 27 14.45 19.81 -18.22
C VAL B 27 13.98 20.67 -19.39
N SER B 28 14.51 21.88 -19.53
CA SER B 28 14.06 22.77 -20.59
C SER B 28 14.39 22.20 -21.97
N GLU B 29 15.48 21.43 -22.09
CA GLU B 29 15.83 20.84 -23.39
C GLU B 29 14.92 19.68 -23.73
N ILE B 30 14.38 18.98 -22.73
CA ILE B 30 13.40 17.94 -23.00
C ILE B 30 12.11 18.56 -23.54
N TYR B 31 11.76 19.76 -23.06
CA TYR B 31 10.60 20.45 -23.60
C TYR B 31 10.82 20.86 -25.05
N ASN B 32 12.00 21.38 -25.37
CA ASN B 32 12.30 21.77 -26.74
C ASN B 32 12.26 20.57 -27.67
N PHE B 33 12.80 19.43 -27.24
CA PHE B 33 12.79 18.24 -28.08
C PHE B 33 11.37 17.80 -28.39
N MET B 34 10.48 17.85 -27.40
CA MET B 34 9.11 17.41 -27.61
C MET B 34 8.34 18.37 -28.50
N THR B 35 8.49 19.68 -28.29
CA THR B 35 7.74 20.65 -29.07
C THR B 35 8.27 20.74 -30.49
N GLU B 36 9.56 20.52 -30.71
CA GLU B 36 10.12 20.61 -32.05
C GLU B 36 9.79 19.37 -32.87
N HIS B 37 10.20 18.19 -32.40
CA HIS B 37 9.96 16.96 -33.14
C HIS B 37 8.50 16.54 -33.12
N PHE B 38 7.69 17.09 -32.21
CA PHE B 38 6.28 16.73 -32.11
C PHE B 38 5.47 18.00 -31.89
N PRO B 39 4.94 18.59 -32.97
CA PRO B 39 4.33 19.92 -32.87
C PRO B 39 3.07 19.97 -32.02
N TYR B 40 2.53 18.83 -31.58
CA TYR B 40 1.31 18.84 -30.79
C TYR B 40 1.50 19.54 -29.45
N PHE B 41 2.69 19.42 -28.86
CA PHE B 41 2.93 20.03 -27.55
C PHE B 41 3.15 21.53 -27.64
N LYS B 42 3.22 22.10 -28.85
CA LYS B 42 3.23 23.55 -28.98
C LYS B 42 1.92 24.17 -28.50
N THR B 43 0.81 23.46 -28.66
CA THR B 43 -0.50 23.95 -28.24
C THR B 43 -1.21 22.97 -27.32
N ALA B 44 -0.48 22.04 -26.71
CA ALA B 44 -1.09 21.07 -25.83
C ALA B 44 -1.64 21.76 -24.58
N PRO B 45 -2.76 21.27 -24.03
CA PRO B 45 -3.34 21.89 -22.84
C PRO B 45 -2.37 21.90 -21.67
N ASP B 46 -2.59 22.85 -20.77
CA ASP B 46 -1.70 23.04 -19.63
C ASP B 46 -1.67 21.79 -18.75
N GLY B 47 -0.48 21.23 -18.58
CA GLY B 47 -0.33 20.07 -17.73
C GLY B 47 0.71 19.08 -18.21
N TRP B 48 1.09 19.17 -19.49
CA TRP B 48 2.03 18.21 -20.03
C TRP B 48 3.45 18.45 -19.50
N LYS B 49 3.81 19.71 -19.25
CA LYS B 49 5.12 19.97 -18.64
C LYS B 49 5.21 19.38 -17.25
N ASN B 50 4.12 19.46 -16.48
CA ASN B 50 4.09 18.78 -15.18
C ASN B 50 4.13 17.27 -15.36
N SER B 51 3.45 16.75 -16.40
CA SER B 51 3.49 15.31 -16.65
C SER B 51 4.90 14.85 -16.99
N VAL B 52 5.66 15.66 -17.72
CA VAL B 52 7.05 15.31 -18.03
C VAL B 52 7.87 15.21 -16.75
N ARG B 53 7.77 16.22 -15.88
CA ARG B 53 8.52 16.20 -14.63
C ARG B 53 8.09 15.06 -13.73
N HIS B 54 6.80 14.69 -13.78
CA HIS B 54 6.34 13.55 -13.00
C HIS B 54 6.97 12.25 -13.48
N ASN B 55 7.03 12.06 -14.80
CA ASN B 55 7.65 10.84 -15.33
C ASN B 55 9.15 10.80 -15.04
N LEU B 56 9.82 11.95 -15.03
CA LEU B 56 11.24 12.00 -14.74
C LEU B 56 11.54 11.46 -13.35
N SER B 57 10.68 11.79 -12.37
CA SER B 57 10.90 11.32 -11.02
C SER B 57 10.36 9.92 -10.79
N LEU B 58 9.25 9.57 -11.45
CA LEU B 58 8.63 8.26 -11.22
C LEU B 58 9.36 7.15 -11.95
N ASN B 59 9.85 7.41 -13.16
CA ASN B 59 10.51 6.37 -13.95
C ASN B 59 11.97 6.23 -13.53
N LYS B 60 12.36 5.00 -13.18
CA LYS B 60 13.73 4.73 -12.74
C LYS B 60 14.74 4.80 -13.88
N CYS B 61 14.29 4.89 -15.13
CA CYS B 61 15.22 5.00 -16.25
C CYS B 61 15.92 6.35 -16.29
N PHE B 62 15.34 7.37 -15.64
CA PHE B 62 15.91 8.71 -15.63
C PHE B 62 16.41 9.04 -14.22
N GLU B 63 17.59 9.64 -14.15
CA GLU B 63 18.24 9.91 -12.88
C GLU B 63 18.80 11.32 -12.88
N LYS B 64 18.60 12.04 -11.77
CA LYS B 64 19.13 13.39 -11.66
C LYS B 64 20.65 13.35 -11.51
N VAL B 65 21.32 14.33 -12.10
CA VAL B 65 22.78 14.41 -12.10
C VAL B 65 23.21 15.56 -11.19
N GLU B 66 24.13 15.27 -10.28
CA GLU B 66 24.74 16.30 -9.44
C GLU B 66 26.02 15.77 -8.79
N LYS B 75 18.56 25.30 -18.40
CA LYS B 75 17.64 25.68 -17.34
C LYS B 75 17.23 24.46 -16.49
N GLY B 76 17.62 24.49 -15.23
CA GLY B 76 17.33 23.39 -14.33
C GLY B 76 18.51 22.45 -14.17
N CYS B 77 18.23 21.32 -13.53
CA CYS B 77 19.24 20.29 -13.31
C CYS B 77 19.26 19.31 -14.48
N LEU B 78 20.26 18.44 -14.47
CA LEU B 78 20.46 17.48 -15.55
C LEU B 78 19.79 16.15 -15.23
N TRP B 79 19.06 15.61 -16.20
CA TRP B 79 18.48 14.28 -16.11
C TRP B 79 19.15 13.38 -17.14
N ALA B 80 19.67 12.25 -16.68
CA ALA B 80 20.40 11.32 -17.53
C ALA B 80 19.69 9.97 -17.58
N LEU B 81 20.08 9.17 -18.55
CA LEU B 81 19.57 7.81 -18.67
C LEU B 81 20.32 6.88 -17.72
N ASN B 82 19.60 5.91 -17.17
CA ASN B 82 20.22 4.86 -16.39
C ASN B 82 20.57 3.71 -17.33
N PRO B 83 21.85 3.43 -17.57
CA PRO B 83 22.20 2.38 -18.55
C PRO B 83 21.64 1.02 -18.20
N ALA B 84 21.37 0.73 -16.93
CA ALA B 84 20.76 -0.53 -16.57
C ALA B 84 19.30 -0.63 -17.00
N LYS B 85 18.68 0.48 -17.36
CA LYS B 85 17.27 0.49 -17.76
C LYS B 85 17.06 0.85 -19.23
N ILE B 86 18.13 1.01 -20.00
CA ILE B 86 18.00 1.42 -21.40
C ILE B 86 17.36 0.31 -22.22
N ASP B 87 17.77 -0.94 -21.98
CA ASP B 87 17.23 -2.06 -22.74
C ASP B 87 15.73 -2.22 -22.50
N LYS B 88 15.27 -1.96 -21.28
CA LYS B 88 13.84 -2.06 -20.97
C LYS B 88 13.04 -1.04 -21.76
N MET B 89 13.45 0.23 -21.69
CA MET B 89 12.71 1.28 -22.41
C MET B 89 12.81 1.11 -23.91
N GLN B 90 13.94 0.59 -24.41
CA GLN B 90 14.08 0.39 -25.85
C GLN B 90 13.05 -0.61 -26.37
N GLU B 91 12.80 -1.68 -25.61
CA GLU B 91 11.78 -2.64 -26.01
C GLU B 91 10.41 -1.99 -26.10
N GLU B 92 10.13 -1.03 -25.19
CA GLU B 92 8.87 -0.31 -25.26
C GLU B 92 8.83 0.61 -26.48
N LEU B 93 9.97 1.19 -26.86
CA LEU B 93 10.00 2.05 -28.03
C LEU B 93 9.82 1.26 -29.32
N GLN B 94 10.33 0.03 -29.37
CA GLN B 94 10.18 -0.78 -30.56
C GLN B 94 8.72 -1.08 -30.85
N LYS B 95 7.93 -1.37 -29.81
CA LYS B 95 6.53 -1.71 -30.00
C LYS B 95 5.70 -0.53 -30.49
N TRP B 96 6.17 0.70 -30.29
CA TRP B 96 5.41 1.90 -30.61
C TRP B 96 5.94 2.64 -31.82
N LYS B 97 7.12 2.29 -32.32
CA LYS B 97 7.69 2.97 -33.48
C LYS B 97 7.03 2.48 -34.77
N PRO C 5 46.27 -15.62 -25.60
CA PRO C 5 46.39 -14.21 -25.19
C PRO C 5 45.12 -13.38 -25.36
N ILE C 6 45.19 -12.13 -24.90
CA ILE C 6 44.13 -11.15 -25.03
C ILE C 6 44.76 -9.89 -25.61
N TYR C 7 43.93 -9.07 -26.26
CA TYR C 7 44.50 -7.97 -27.02
C TYR C 7 43.61 -6.73 -26.99
N SER C 8 44.26 -5.57 -27.10
CA SER C 8 43.61 -4.27 -27.26
C SER C 8 43.84 -3.81 -28.69
N TYR C 9 42.75 -3.57 -29.41
CA TYR C 9 42.83 -3.45 -30.86
C TYR C 9 43.31 -2.08 -31.34
N SER C 10 43.10 -1.02 -30.55
CA SER C 10 43.52 0.31 -31.00
C SER C 10 45.03 0.39 -31.13
N ILE C 11 45.76 -0.26 -30.23
CA ILE C 11 47.21 -0.24 -30.31
C ILE C 11 47.69 -1.08 -31.49
N LEU C 12 46.99 -2.18 -31.78
CA LEU C 12 47.38 -3.03 -32.91
C LEU C 12 47.08 -2.34 -34.24
N ILE C 13 45.93 -1.69 -34.35
CA ILE C 13 45.62 -0.94 -35.57
C ILE C 13 46.64 0.18 -35.77
N PHE C 14 47.01 0.86 -34.66
CA PHE C 14 47.98 1.94 -34.76
C PHE C 14 49.31 1.44 -35.30
N MET C 15 49.72 0.23 -34.92
CA MET C 15 50.97 -0.33 -35.45
C MET C 15 50.88 -0.57 -36.94
N ALA C 16 49.75 -1.10 -37.42
CA ALA C 16 49.59 -1.37 -38.84
C ALA C 16 49.69 -0.07 -39.65
N LEU C 17 48.95 0.96 -39.24
CA LEU C 17 48.96 2.21 -39.97
C LEU C 17 50.28 2.95 -39.80
N LYS C 18 50.97 2.73 -38.68
CA LYS C 18 52.26 3.39 -38.46
C LYS C 18 53.35 2.80 -39.36
N ASN C 19 53.24 1.53 -39.72
CA ASN C 19 54.20 0.87 -40.59
C ASN C 19 53.87 1.04 -42.06
N SER C 20 52.82 1.79 -42.39
CA SER C 20 52.49 2.09 -43.78
C SER C 20 53.12 3.42 -44.18
N LYS C 21 53.76 3.44 -45.36
CA LYS C 21 54.44 4.64 -45.83
C LYS C 21 53.50 5.82 -46.00
N THR C 22 52.19 5.58 -46.11
CA THR C 22 51.20 6.63 -46.26
C THR C 22 50.31 6.77 -45.03
N GLY C 23 50.57 6.00 -43.98
CA GLY C 23 49.81 6.10 -42.75
C GLY C 23 48.39 5.60 -42.92
N SER C 24 48.14 4.92 -44.03
CA SER C 24 46.81 4.44 -44.37
C SER C 24 46.90 3.03 -44.94
N LEU C 25 45.86 2.26 -44.68
CA LEU C 25 45.76 0.87 -45.09
C LEU C 25 44.30 0.52 -45.29
N PRO C 26 43.99 -0.37 -46.24
CA PRO C 26 42.66 -0.97 -46.27
C PRO C 26 42.48 -1.91 -45.08
N VAL C 27 41.22 -2.28 -44.84
CA VAL C 27 40.91 -3.11 -43.68
C VAL C 27 41.57 -4.48 -43.79
N SER C 28 41.59 -5.03 -45.01
CA SER C 28 42.21 -6.34 -45.21
C SER C 28 43.70 -6.30 -44.86
N GLU C 29 44.37 -5.19 -45.14
CA GLU C 29 45.78 -5.07 -44.81
C GLU C 29 46.01 -4.97 -43.31
N ILE C 30 45.09 -4.35 -42.58
CA ILE C 30 45.21 -4.33 -41.12
C ILE C 30 45.08 -5.75 -40.57
N TYR C 31 44.20 -6.56 -41.16
CA TYR C 31 44.09 -7.96 -40.78
C TYR C 31 45.41 -8.68 -40.98
N ASN C 32 45.97 -8.59 -42.20
CA ASN C 32 47.20 -9.30 -42.52
C ASN C 32 48.35 -8.87 -41.62
N PHE C 33 48.38 -7.60 -41.23
CA PHE C 33 49.44 -7.13 -40.33
C PHE C 33 49.32 -7.76 -38.96
N MET C 34 48.10 -7.90 -38.46
CA MET C 34 47.91 -8.48 -37.13
C MET C 34 48.23 -9.97 -37.11
N THR C 35 47.77 -10.70 -38.14
CA THR C 35 48.04 -12.13 -38.18
C THR C 35 49.52 -12.42 -38.42
N GLU C 36 50.21 -11.55 -39.19
CA GLU C 36 51.62 -11.80 -39.49
C GLU C 36 52.49 -11.50 -38.28
N HIS C 37 52.28 -10.37 -37.62
CA HIS C 37 53.10 -9.97 -36.49
C HIS C 37 52.61 -10.52 -35.17
N PHE C 38 51.36 -10.99 -35.09
CA PHE C 38 50.79 -11.55 -33.87
C PHE C 38 50.02 -12.82 -34.22
N PRO C 39 50.64 -13.99 -34.10
CA PRO C 39 49.99 -15.23 -34.57
C PRO C 39 48.77 -15.63 -33.77
N TYR C 40 48.40 -14.89 -32.73
CA TYR C 40 47.18 -15.21 -31.99
C TYR C 40 45.94 -15.05 -32.85
N PHE C 41 45.94 -14.06 -33.74
CA PHE C 41 44.76 -13.82 -34.57
C PHE C 41 44.61 -14.82 -35.70
N LYS C 42 45.64 -15.60 -36.01
CA LYS C 42 45.50 -16.69 -36.97
C LYS C 42 44.53 -17.75 -36.48
N THR C 43 44.34 -17.86 -35.16
CA THR C 43 43.42 -18.84 -34.57
C THR C 43 42.51 -18.20 -33.53
N ALA C 44 42.42 -16.87 -33.51
CA ALA C 44 41.59 -16.20 -32.51
C ALA C 44 40.11 -16.50 -32.75
N PRO C 45 39.30 -16.52 -31.69
CA PRO C 45 37.87 -16.81 -31.85
C PRO C 45 37.18 -15.78 -32.73
N ASP C 46 36.09 -16.20 -33.35
CA ASP C 46 35.35 -15.34 -34.28
C ASP C 46 34.85 -14.10 -33.57
N GLY C 47 35.20 -12.93 -34.11
CA GLY C 47 34.78 -11.67 -33.55
C GLY C 47 35.84 -10.59 -33.58
N TRP C 48 37.11 -11.01 -33.65
CA TRP C 48 38.20 -10.03 -33.55
C TRP C 48 38.27 -9.15 -34.79
N LYS C 49 37.96 -9.69 -35.97
CA LYS C 49 37.89 -8.86 -37.16
C LYS C 49 36.79 -7.81 -37.04
N ASN C 50 35.66 -8.20 -36.47
CA ASN C 50 34.60 -7.24 -36.20
C ASN C 50 35.00 -6.25 -35.11
N SER C 51 35.88 -6.66 -34.20
CA SER C 51 36.33 -5.76 -33.15
C SER C 51 37.16 -4.62 -33.71
N VAL C 52 38.07 -4.91 -34.65
CA VAL C 52 38.89 -3.85 -35.21
C VAL C 52 38.07 -2.91 -36.06
N ARG C 53 36.99 -3.41 -36.69
CA ARG C 53 36.11 -2.51 -37.43
C ARG C 53 35.38 -1.56 -36.48
N HIS C 54 35.09 -2.01 -35.26
CA HIS C 54 34.51 -1.12 -34.25
C HIS C 54 35.52 -0.09 -33.79
N ASN C 55 36.74 -0.54 -33.46
CA ASN C 55 37.77 0.38 -32.99
C ASN C 55 38.13 1.43 -34.05
N LEU C 56 38.07 1.04 -35.34
CA LEU C 56 38.37 2.00 -36.40
C LEU C 56 37.37 3.16 -36.37
N SER C 57 36.09 2.86 -36.21
CA SER C 57 35.07 3.90 -36.15
C SER C 57 35.01 4.55 -34.78
N LEU C 58 35.36 3.81 -33.72
CA LEU C 58 35.24 4.33 -32.37
C LEU C 58 36.39 5.26 -32.01
N ASN C 59 37.62 4.88 -32.35
CA ASN C 59 38.79 5.67 -31.97
C ASN C 59 38.97 6.85 -32.92
N LYS C 60 39.10 8.05 -32.34
CA LYS C 60 39.27 9.27 -33.12
C LYS C 60 40.64 9.39 -33.77
N CYS C 61 41.56 8.46 -33.51
CA CYS C 61 42.86 8.48 -34.17
C CYS C 61 42.81 7.91 -35.57
N PHE C 62 41.76 7.16 -35.90
CA PHE C 62 41.61 6.54 -37.20
C PHE C 62 40.50 7.24 -37.97
N GLU C 63 40.80 7.67 -39.20
CA GLU C 63 39.84 8.38 -40.02
C GLU C 63 39.76 7.72 -41.39
N LYS C 64 38.55 7.63 -41.93
CA LYS C 64 38.33 7.07 -43.25
C LYS C 64 38.51 8.14 -44.32
N VAL C 65 39.16 7.78 -45.42
CA VAL C 65 39.36 8.67 -46.55
C VAL C 65 38.29 8.39 -47.60
N GLU C 66 37.90 9.44 -48.32
CA GLU C 66 36.87 9.32 -49.34
C GLU C 66 37.43 8.70 -50.62
N CYS C 77 37.82 0.07 -48.49
CA CYS C 77 37.92 1.39 -47.89
C CYS C 77 39.25 1.56 -47.16
N LEU C 78 39.86 2.74 -47.29
CA LEU C 78 41.14 3.05 -46.70
C LEU C 78 40.94 3.80 -45.39
N TRP C 79 41.61 3.35 -44.33
CA TRP C 79 41.62 4.02 -43.05
C TRP C 79 43.01 4.62 -42.82
N ALA C 80 43.04 5.88 -42.41
CA ALA C 80 44.28 6.63 -42.25
C ALA C 80 44.42 7.12 -40.82
N LEU C 81 45.65 7.50 -40.47
CA LEU C 81 45.91 8.07 -39.16
C LEU C 81 45.57 9.56 -39.15
N ASN C 82 45.16 10.04 -37.98
CA ASN C 82 44.97 11.48 -37.76
C ASN C 82 46.24 12.03 -37.14
N PRO C 83 46.94 12.96 -37.80
CA PRO C 83 48.18 13.48 -37.21
C PRO C 83 47.99 14.11 -35.84
N ALA C 84 46.83 14.72 -35.58
CA ALA C 84 46.61 15.34 -34.28
C ALA C 84 46.53 14.33 -33.14
N LYS C 85 46.28 13.06 -33.46
CA LYS C 85 46.12 12.03 -32.44
C LYS C 85 47.25 11.01 -32.43
N ILE C 86 48.29 11.21 -33.23
CA ILE C 86 49.38 10.24 -33.30
C ILE C 86 50.18 10.24 -32.00
N ASP C 87 50.49 11.43 -31.46
CA ASP C 87 51.25 11.50 -30.23
C ASP C 87 50.52 10.82 -29.08
N LYS C 88 49.19 10.93 -29.05
CA LYS C 88 48.40 10.26 -28.01
C LYS C 88 48.57 8.76 -28.09
N MET C 89 48.33 8.17 -29.27
CA MET C 89 48.45 6.73 -29.42
C MET C 89 49.90 6.27 -29.34
N GLN C 90 50.85 7.12 -29.71
CA GLN C 90 52.26 6.75 -29.60
C GLN C 90 52.67 6.61 -28.15
N GLU C 91 52.19 7.50 -27.27
CA GLU C 91 52.48 7.36 -25.85
C GLU C 91 51.87 6.08 -25.28
N GLU C 92 50.70 5.68 -25.78
CA GLU C 92 50.09 4.44 -25.32
C GLU C 92 50.85 3.23 -25.81
N LEU C 93 51.43 3.29 -27.01
CA LEU C 93 52.21 2.17 -27.52
C LEU C 93 53.47 1.96 -26.69
N GLN C 94 54.07 3.04 -26.18
CA GLN C 94 55.27 2.90 -25.38
C GLN C 94 55.01 2.17 -24.06
N LYS C 95 53.82 2.37 -23.48
CA LYS C 95 53.47 1.67 -22.24
C LYS C 95 53.01 0.24 -22.49
N TRP C 96 52.67 -0.10 -23.74
CA TRP C 96 52.29 -1.47 -24.07
C TRP C 96 53.47 -2.41 -23.92
N LYS C 97 54.69 -1.90 -24.02
CA LYS C 97 55.90 -2.72 -23.92
C LYS C 97 56.69 -2.40 -22.66
N TYR D 7 -3.52 5.48 -23.39
CA TYR D 7 -3.09 4.58 -22.31
C TYR D 7 -1.63 4.75 -21.90
N SER D 8 -1.42 4.80 -20.58
CA SER D 8 -0.15 4.46 -19.96
C SER D 8 -0.41 3.26 -19.06
N TYR D 9 0.42 2.22 -19.19
CA TYR D 9 0.26 1.05 -18.34
C TYR D 9 0.38 1.42 -16.88
N SER D 10 1.17 2.46 -16.57
CA SER D 10 1.20 2.98 -15.21
C SER D 10 -0.17 3.49 -14.78
N ILE D 11 -0.89 4.17 -15.69
CA ILE D 11 -2.23 4.66 -15.36
C ILE D 11 -3.18 3.49 -15.15
N LEU D 12 -3.12 2.49 -16.04
CA LEU D 12 -4.02 1.35 -15.93
C LEU D 12 -3.68 0.49 -14.71
N ILE D 13 -2.39 0.26 -14.45
CA ILE D 13 -1.99 -0.43 -13.24
C ILE D 13 -2.43 0.35 -12.01
N PHE D 14 -2.33 1.69 -12.08
CA PHE D 14 -2.74 2.52 -10.96
C PHE D 14 -4.22 2.33 -10.65
N MET D 15 -5.06 2.26 -11.69
CA MET D 15 -6.48 2.01 -11.49
C MET D 15 -6.70 0.67 -10.81
N ALA D 16 -6.01 -0.38 -11.29
CA ALA D 16 -6.21 -1.72 -10.74
C ALA D 16 -5.81 -1.76 -9.27
N LEU D 17 -4.67 -1.18 -8.92
CA LEU D 17 -4.21 -1.22 -7.54
C LEU D 17 -5.03 -0.32 -6.64
N LYS D 18 -5.50 0.83 -7.17
CA LYS D 18 -6.36 1.71 -6.38
C LYS D 18 -7.72 1.08 -6.12
N ASN D 19 -8.16 0.16 -6.96
CA ASN D 19 -9.42 -0.54 -6.75
C ASN D 19 -9.31 -1.69 -5.76
N SER D 20 -8.09 -2.00 -5.29
CA SER D 20 -7.89 -3.08 -4.34
C SER D 20 -8.00 -2.57 -2.92
N LYS D 21 -8.69 -3.34 -2.07
CA LYS D 21 -8.88 -2.94 -0.68
C LYS D 21 -7.55 -2.82 0.06
N THR D 22 -6.54 -3.59 -0.36
CA THR D 22 -5.22 -3.54 0.25
C THR D 22 -4.24 -2.68 -0.54
N GLY D 23 -4.68 -2.08 -1.64
CA GLY D 23 -3.76 -1.34 -2.49
C GLY D 23 -2.70 -2.18 -3.14
N SER D 24 -2.91 -3.50 -3.21
CA SER D 24 -1.93 -4.42 -3.77
C SER D 24 -2.64 -5.54 -4.49
N LEU D 25 -2.07 -5.99 -5.62
CA LEU D 25 -2.65 -7.05 -6.42
C LEU D 25 -1.52 -7.85 -7.05
N PRO D 26 -1.70 -9.15 -7.24
CA PRO D 26 -0.76 -9.92 -8.06
C PRO D 26 -0.84 -9.50 -9.51
N VAL D 27 0.21 -9.85 -10.26
CA VAL D 27 0.30 -9.46 -11.66
C VAL D 27 -0.88 -10.02 -12.46
N SER D 28 -1.26 -11.26 -12.18
CA SER D 28 -2.35 -11.89 -12.91
C SER D 28 -3.66 -11.15 -12.72
N GLU D 29 -3.90 -10.61 -11.52
CA GLU D 29 -5.12 -9.85 -11.27
C GLU D 29 -5.07 -8.45 -11.89
N ILE D 30 -3.88 -7.92 -12.15
CA ILE D 30 -3.78 -6.67 -12.89
C ILE D 30 -4.19 -6.88 -14.34
N TYR D 31 -3.91 -8.07 -14.89
CA TYR D 31 -4.36 -8.40 -16.23
C TYR D 31 -5.88 -8.45 -16.31
N ASN D 32 -6.52 -9.13 -15.35
CA ASN D 32 -7.96 -9.27 -15.37
C ASN D 32 -8.65 -7.92 -15.29
N PHE D 33 -8.10 -7.00 -14.51
CA PHE D 33 -8.69 -5.67 -14.39
C PHE D 33 -8.61 -4.93 -15.73
N MET D 34 -7.48 -5.04 -16.43
CA MET D 34 -7.30 -4.30 -17.67
C MET D 34 -8.15 -4.88 -18.79
N THR D 35 -8.22 -6.21 -18.89
CA THR D 35 -9.04 -6.84 -19.92
C THR D 35 -10.52 -6.60 -19.69
N GLU D 36 -10.96 -6.58 -18.43
CA GLU D 36 -12.39 -6.39 -18.14
C GLU D 36 -12.82 -4.96 -18.37
N HIS D 37 -12.08 -4.00 -17.79
CA HIS D 37 -12.49 -2.60 -17.85
C HIS D 37 -12.12 -1.90 -19.14
N PHE D 38 -11.28 -2.52 -19.99
CA PHE D 38 -10.85 -1.87 -21.22
C PHE D 38 -10.83 -2.83 -22.41
N PRO D 39 -11.96 -3.59 -22.66
CA PRO D 39 -11.99 -4.66 -23.68
C PRO D 39 -10.83 -4.81 -24.66
N TYR D 40 -10.23 -3.70 -25.13
CA TYR D 40 -9.12 -3.72 -26.09
C TYR D 40 -8.07 -4.79 -25.79
N PHE D 41 -7.75 -4.98 -24.51
CA PHE D 41 -6.72 -5.93 -24.09
C PHE D 41 -7.19 -7.37 -24.09
N LYS D 42 -8.50 -7.61 -24.15
CA LYS D 42 -9.00 -8.97 -24.28
C LYS D 42 -8.61 -9.55 -25.64
N THR D 43 -8.40 -8.69 -26.64
CA THR D 43 -7.95 -9.12 -27.96
C THR D 43 -6.75 -8.34 -28.44
N ALA D 44 -6.02 -7.69 -27.53
CA ALA D 44 -4.84 -6.92 -27.91
C ALA D 44 -3.73 -7.84 -28.40
N PRO D 45 -2.86 -7.34 -29.28
CA PRO D 45 -1.72 -8.15 -29.74
C PRO D 45 -0.80 -8.52 -28.58
N ASP D 46 0.00 -9.57 -28.81
CA ASP D 46 0.93 -10.04 -27.79
C ASP D 46 1.96 -8.97 -27.47
N GLY D 47 2.38 -8.93 -26.22
CA GLY D 47 3.37 -7.98 -25.75
C GLY D 47 2.85 -6.95 -24.77
N TRP D 48 1.53 -6.77 -24.68
CA TRP D 48 0.99 -5.80 -23.73
C TRP D 48 1.19 -6.26 -22.29
N LYS D 49 1.18 -7.57 -22.05
CA LYS D 49 1.45 -8.07 -20.71
C LYS D 49 2.90 -7.82 -20.30
N ASN D 50 3.84 -8.00 -21.25
CA ASN D 50 5.23 -7.70 -20.97
C ASN D 50 5.44 -6.20 -20.74
N SER D 51 4.68 -5.36 -21.44
CA SER D 51 4.75 -3.93 -21.20
C SER D 51 4.28 -3.59 -19.78
N VAL D 52 3.32 -4.35 -19.25
CA VAL D 52 2.84 -4.10 -17.90
C VAL D 52 3.92 -4.39 -16.87
N ARG D 53 4.64 -5.51 -17.03
CA ARG D 53 5.68 -5.85 -16.08
C ARG D 53 6.86 -4.89 -16.16
N HIS D 54 7.10 -4.30 -17.33
CA HIS D 54 8.13 -3.27 -17.44
C HIS D 54 7.76 -2.03 -16.65
N ASN D 55 6.50 -1.58 -16.75
CA ASN D 55 6.07 -0.42 -15.99
C ASN D 55 6.06 -0.70 -14.50
N LEU D 56 5.73 -1.94 -14.10
CA LEU D 56 5.78 -2.29 -12.69
C LEU D 56 7.19 -2.12 -12.12
N SER D 57 8.20 -2.56 -12.87
CA SER D 57 9.57 -2.44 -12.40
C SER D 57 10.08 -1.01 -12.54
N LEU D 58 9.69 -0.31 -13.61
CA LEU D 58 10.27 0.99 -13.90
C LEU D 58 9.64 2.11 -13.09
N ASN D 59 8.34 2.02 -12.81
CA ASN D 59 7.66 3.09 -12.10
C ASN D 59 7.83 2.92 -10.59
N LYS D 60 8.22 4.00 -9.92
CA LYS D 60 8.45 3.95 -8.47
C LYS D 60 7.18 3.93 -7.66
N CYS D 61 6.02 4.18 -8.28
CA CYS D 61 4.76 4.12 -7.55
C CYS D 61 4.36 2.68 -7.20
N PHE D 62 4.92 1.70 -7.90
CA PHE D 62 4.61 0.30 -7.68
C PHE D 62 5.82 -0.38 -7.05
N GLU D 63 5.60 -1.04 -5.91
CA GLU D 63 6.66 -1.71 -5.19
C GLU D 63 6.24 -3.15 -4.90
N LYS D 64 7.12 -4.10 -5.24
CA LYS D 64 6.90 -5.49 -4.90
C LYS D 64 7.13 -5.72 -3.41
N VAL D 65 6.25 -6.48 -2.79
CA VAL D 65 6.33 -6.77 -1.36
C VAL D 65 6.73 -8.23 -1.18
N GLU D 66 7.63 -8.47 -0.23
CA GLU D 66 8.10 -9.82 0.06
C GLU D 66 7.84 -10.18 1.52
N LYS D 75 5.12 -18.25 -3.69
CA LYS D 75 5.07 -18.75 -5.06
C LYS D 75 4.73 -17.63 -6.04
N GLY D 76 3.62 -16.94 -5.78
CA GLY D 76 3.18 -15.84 -6.62
C GLY D 76 3.61 -14.50 -6.05
N CYS D 77 3.86 -13.55 -6.95
CA CYS D 77 4.31 -12.22 -6.58
C CYS D 77 3.16 -11.22 -6.70
N LEU D 78 3.09 -10.30 -5.73
CA LEU D 78 2.05 -9.28 -5.71
C LEU D 78 2.70 -7.91 -5.59
N TRP D 79 2.14 -6.94 -6.31
CA TRP D 79 2.67 -5.58 -6.34
C TRP D 79 1.74 -4.64 -5.60
N ALA D 80 2.33 -3.68 -4.89
CA ALA D 80 1.59 -2.75 -4.06
C ALA D 80 1.90 -1.31 -4.48
N LEU D 81 1.02 -0.40 -4.06
CA LEU D 81 1.23 1.02 -4.31
C LEU D 81 2.15 1.62 -3.25
N ASN D 82 2.94 2.60 -3.65
CA ASN D 82 3.74 3.37 -2.71
C ASN D 82 2.94 4.60 -2.30
N PRO D 83 2.50 4.70 -1.05
CA PRO D 83 1.66 5.85 -0.65
C PRO D 83 2.36 7.19 -0.81
N ALA D 84 3.69 7.22 -0.84
CA ALA D 84 4.40 8.48 -1.08
C ALA D 84 4.30 8.92 -2.53
N LYS D 85 3.91 8.01 -3.44
CA LYS D 85 3.83 8.32 -4.86
C LYS D 85 2.40 8.34 -5.38
N ILE D 86 1.40 8.15 -4.51
CA ILE D 86 0.01 8.08 -4.97
C ILE D 86 -0.45 9.44 -5.51
N ASP D 87 -0.09 10.53 -4.81
CA ASP D 87 -0.56 11.85 -5.22
C ASP D 87 -0.06 12.21 -6.61
N LYS D 88 1.18 11.85 -6.94
CA LYS D 88 1.71 12.12 -8.27
C LYS D 88 0.92 11.37 -9.34
N MET D 89 0.77 10.06 -9.18
CA MET D 89 0.02 9.27 -10.15
C MET D 89 -1.46 9.66 -10.19
N GLN D 90 -1.99 10.22 -9.11
CA GLN D 90 -3.38 10.66 -9.12
C GLN D 90 -3.57 11.85 -10.06
N GLU D 91 -2.61 12.79 -10.07
CA GLU D 91 -2.69 13.91 -10.99
C GLU D 91 -2.59 13.46 -12.43
N GLU D 92 -1.74 12.46 -12.71
CA GLU D 92 -1.69 11.90 -14.05
C GLU D 92 -2.99 11.20 -14.41
N LEU D 93 -3.70 10.66 -13.41
CA LEU D 93 -4.97 10.02 -13.66
C LEU D 93 -6.05 11.05 -14.02
N GLN D 94 -5.94 12.27 -13.48
CA GLN D 94 -6.94 13.30 -13.76
C GLN D 94 -6.89 13.76 -15.21
N LYS D 95 -5.70 13.80 -15.81
CA LYS D 95 -5.55 14.21 -17.21
C LYS D 95 -5.79 13.00 -18.12
N TRP D 96 -7.03 12.53 -18.10
CA TRP D 96 -7.38 11.24 -18.72
C TRP D 96 -8.89 11.09 -18.86
N PRO E 5 1.92 10.77 23.36
CA PRO E 5 1.44 11.14 22.02
C PRO E 5 0.14 11.92 22.07
N ILE E 6 0.00 12.91 21.19
CA ILE E 6 -1.19 13.76 21.20
C ILE E 6 -2.29 13.24 20.29
N TYR E 7 -1.99 12.34 19.36
CA TYR E 7 -2.95 11.84 18.41
C TYR E 7 -3.47 10.46 18.83
N SER E 8 -4.41 9.93 18.05
CA SER E 8 -5.02 8.64 18.33
C SER E 8 -4.19 7.52 17.72
N TYR E 9 -4.56 6.28 18.06
CA TYR E 9 -3.80 5.12 17.59
C TYR E 9 -3.99 4.90 16.09
N SER E 10 -5.17 5.21 15.55
CA SER E 10 -5.38 5.07 14.12
C SER E 10 -4.47 6.01 13.33
N ILE E 11 -4.25 7.22 13.85
CA ILE E 11 -3.33 8.15 13.21
C ILE E 11 -1.90 7.62 13.25
N LEU E 12 -1.50 7.05 14.39
CA LEU E 12 -0.14 6.52 14.52
C LEU E 12 0.09 5.35 13.58
N ILE E 13 -0.91 4.48 13.43
CA ILE E 13 -0.79 3.37 12.50
C ILE E 13 -0.74 3.87 11.06
N PHE E 14 -1.54 4.89 10.75
CA PHE E 14 -1.56 5.44 9.40
C PHE E 14 -0.21 6.02 9.02
N MET E 15 0.45 6.70 9.96
CA MET E 15 1.78 7.23 9.69
C MET E 15 2.79 6.11 9.48
N ALA E 16 2.65 5.02 10.24
CA ALA E 16 3.54 3.88 10.06
C ALA E 16 3.35 3.23 8.70
N LEU E 17 2.10 3.05 8.28
CA LEU E 17 1.84 2.36 7.03
C LEU E 17 2.07 3.24 5.82
N LYS E 18 1.83 4.56 5.93
CA LYS E 18 2.12 5.44 4.81
C LYS E 18 3.61 5.72 4.65
N ASN E 19 4.41 5.45 5.69
CA ASN E 19 5.85 5.57 5.61
C ASN E 19 6.50 4.30 5.06
N SER E 20 5.71 3.31 4.67
CA SER E 20 6.22 2.05 4.12
C SER E 20 6.16 2.11 2.60
N LYS E 21 7.21 1.59 1.95
CA LYS E 21 7.31 1.64 0.50
C LYS E 21 6.21 0.82 -0.18
N THR E 22 5.62 -0.14 0.51
CA THR E 22 4.53 -0.95 -0.05
C THR E 22 3.18 -0.59 0.54
N GLY E 23 3.10 0.44 1.39
CA GLY E 23 1.86 0.75 2.06
C GLY E 23 1.39 -0.31 3.03
N SER E 24 2.28 -1.24 3.41
CA SER E 24 1.90 -2.35 4.27
C SER E 24 3.07 -2.69 5.17
N LEU E 25 2.77 -3.08 6.41
CA LEU E 25 3.78 -3.47 7.38
C LEU E 25 3.22 -4.60 8.24
N PRO E 26 4.05 -5.54 8.65
CA PRO E 26 3.61 -6.52 9.66
C PRO E 26 3.45 -5.85 11.01
N VAL E 27 2.66 -6.51 11.87
CA VAL E 27 2.27 -5.90 13.14
C VAL E 27 3.49 -5.57 13.98
N SER E 28 4.51 -6.43 13.96
CA SER E 28 5.69 -6.21 14.78
C SER E 28 6.43 -4.94 14.36
N GLU E 29 6.47 -4.66 13.06
CA GLU E 29 7.13 -3.45 12.59
C GLU E 29 6.35 -2.19 12.91
N ILE E 30 5.03 -2.31 13.11
CA ILE E 30 4.23 -1.14 13.46
C ILE E 30 4.57 -0.66 14.86
N TYR E 31 4.84 -1.59 15.78
CA TYR E 31 5.27 -1.20 17.12
C TYR E 31 6.63 -0.50 17.06
N ASN E 32 7.57 -1.07 16.28
CA ASN E 32 8.91 -0.50 16.20
C ASN E 32 8.88 0.91 15.63
N PHE E 33 7.96 1.20 14.71
CA PHE E 33 7.80 2.56 14.21
C PHE E 33 7.37 3.50 15.33
N MET E 34 6.44 3.05 16.17
CA MET E 34 5.97 3.90 17.26
C MET E 34 7.05 4.09 18.32
N THR E 35 7.79 3.04 18.63
CA THR E 35 8.85 3.16 19.63
C THR E 35 9.97 4.07 19.16
N GLU E 36 10.30 4.02 17.87
CA GLU E 36 11.38 4.85 17.35
C GLU E 36 10.97 6.31 17.27
N HIS E 37 9.84 6.60 16.64
CA HIS E 37 9.41 7.97 16.43
C HIS E 37 8.72 8.58 17.65
N PHE E 38 8.28 7.75 18.60
CA PHE E 38 7.60 8.23 19.82
C PHE E 38 8.13 7.44 21.00
N PRO E 39 9.08 8.01 21.76
CA PRO E 39 9.67 7.26 22.89
C PRO E 39 8.70 6.99 24.02
N TYR E 40 7.46 7.49 23.95
CA TYR E 40 6.47 7.19 24.98
C TYR E 40 6.18 5.70 25.05
N PHE E 41 6.09 5.04 23.89
CA PHE E 41 5.69 3.64 23.85
C PHE E 41 6.78 2.70 24.37
N LYS E 42 8.04 3.15 24.39
CA LYS E 42 9.09 2.35 25.01
C LYS E 42 8.91 2.28 26.53
N THR E 43 8.32 3.33 27.12
CA THR E 43 8.00 3.33 28.54
C THR E 43 6.51 3.23 28.83
N ALA E 44 5.67 3.20 27.80
CA ALA E 44 4.24 3.15 28.03
C ALA E 44 3.87 1.85 28.74
N PRO E 45 2.76 1.86 29.48
CA PRO E 45 2.32 0.63 30.15
C PRO E 45 1.99 -0.47 29.16
N ASP E 46 1.94 -1.70 29.67
CA ASP E 46 1.69 -2.90 28.87
C ASP E 46 0.22 -2.99 28.47
N GLY E 47 -0.21 -2.08 27.60
CA GLY E 47 -1.58 -2.10 27.15
C GLY E 47 -1.76 -1.52 25.77
N TRP E 48 -0.82 -0.69 25.31
CA TRP E 48 -1.00 0.00 24.04
C TRP E 48 -0.79 -0.94 22.85
N LYS E 49 0.04 -1.96 23.01
CA LYS E 49 0.26 -2.94 21.95
C LYS E 49 -1.01 -3.70 21.60
N ASN E 50 -1.90 -3.92 22.57
CA ASN E 50 -3.20 -4.51 22.24
C ASN E 50 -4.11 -3.49 21.59
N SER E 51 -3.94 -2.22 21.93
CA SER E 51 -4.76 -1.18 21.31
C SER E 51 -4.47 -1.06 19.82
N VAL E 52 -3.25 -1.38 19.40
CA VAL E 52 -2.91 -1.35 17.98
C VAL E 52 -3.66 -2.44 17.23
N ARG E 53 -3.70 -3.65 17.79
CA ARG E 53 -4.38 -4.75 17.12
C ARG E 53 -5.89 -4.53 17.06
N HIS E 54 -6.45 -3.78 18.01
CA HIS E 54 -7.86 -3.45 17.95
C HIS E 54 -8.12 -2.40 16.86
N ASN E 55 -7.29 -1.36 16.81
CA ASN E 55 -7.48 -0.31 15.81
C ASN E 55 -7.22 -0.84 14.40
N LEU E 56 -6.37 -1.85 14.25
CA LEU E 56 -6.16 -2.45 12.94
C LEU E 56 -7.42 -3.15 12.44
N SER E 57 -8.11 -3.88 13.33
CA SER E 57 -9.26 -4.67 12.91
C SER E 57 -10.53 -3.82 12.84
N LEU E 58 -10.63 -2.77 13.65
CA LEU E 58 -11.82 -1.92 13.69
C LEU E 58 -11.85 -0.85 12.62
N ASN E 59 -10.69 -0.29 12.25
CA ASN E 59 -10.66 0.80 11.29
C ASN E 59 -10.71 0.25 9.87
N LYS E 60 -11.57 0.84 9.03
CA LYS E 60 -11.70 0.40 7.65
C LYS E 60 -10.44 0.68 6.84
N CYS E 61 -9.66 1.68 7.25
CA CYS E 61 -8.51 2.10 6.46
C CYS E 61 -7.43 1.03 6.39
N PHE E 62 -7.40 0.10 7.34
CA PHE E 62 -6.37 -0.93 7.41
C PHE E 62 -6.99 -2.27 7.02
N GLU E 63 -6.37 -2.92 6.04
CA GLU E 63 -6.86 -4.20 5.54
C GLU E 63 -5.80 -5.28 5.72
N LYS E 64 -6.26 -6.49 6.03
CA LYS E 64 -5.36 -7.61 6.22
C LYS E 64 -5.06 -8.27 4.87
N VAL E 65 -3.78 -8.58 4.63
CA VAL E 65 -3.34 -9.20 3.39
C VAL E 65 -3.07 -10.68 3.66
N GLU E 66 -3.63 -11.54 2.83
CA GLU E 66 -3.43 -12.98 2.96
C GLU E 66 -2.80 -13.57 1.71
N GLY E 76 3.45 -13.36 12.37
CA GLY E 76 2.75 -12.13 12.05
C GLY E 76 2.34 -12.05 10.59
N CYS E 77 1.21 -11.40 10.35
CA CYS E 77 0.66 -11.23 9.01
C CYS E 77 1.03 -9.83 8.49
N LEU E 78 0.29 -9.35 7.49
CA LEU E 78 0.55 -8.06 6.87
C LEU E 78 -0.72 -7.22 6.89
N TRP E 79 -0.58 -5.96 7.29
CA TRP E 79 -1.67 -4.99 7.29
C TRP E 79 -1.34 -3.88 6.30
N ALA E 80 -2.25 -3.64 5.36
CA ALA E 80 -2.05 -2.66 4.31
C ALA E 80 -3.07 -1.54 4.40
N LEU E 81 -2.77 -0.42 3.76
CA LEU E 81 -3.69 0.70 3.69
C LEU E 81 -4.70 0.50 2.57
N ASN E 82 -5.91 0.99 2.81
CA ASN E 82 -6.94 1.02 1.78
C ASN E 82 -6.80 2.35 1.02
N PRO E 83 -6.40 2.35 -0.25
CA PRO E 83 -6.21 3.63 -0.96
C PRO E 83 -7.48 4.46 -1.06
N ALA E 84 -8.66 3.86 -0.91
CA ALA E 84 -9.90 4.62 -0.91
C ALA E 84 -10.12 5.38 0.39
N LYS E 85 -9.42 5.00 1.46
CA LYS E 85 -9.56 5.67 2.75
C LYS E 85 -8.35 6.49 3.14
N ILE E 86 -7.35 6.60 2.25
CA ILE E 86 -6.13 7.33 2.59
C ILE E 86 -6.40 8.82 2.67
N ASP E 87 -7.13 9.37 1.69
CA ASP E 87 -7.44 10.80 1.72
C ASP E 87 -8.23 11.18 2.96
N LYS E 88 -9.07 10.28 3.47
CA LYS E 88 -9.84 10.56 4.67
C LYS E 88 -8.96 10.58 5.90
N MET E 89 -8.08 9.58 6.04
CA MET E 89 -7.17 9.55 7.18
C MET E 89 -6.13 10.66 7.11
N GLN E 90 -5.74 11.06 5.89
CA GLN E 90 -4.74 12.12 5.75
C GLN E 90 -5.26 13.45 6.30
N GLU E 91 -6.56 13.71 6.16
CA GLU E 91 -7.13 14.94 6.69
C GLU E 91 -7.06 14.98 8.21
N GLU E 92 -7.32 13.84 8.87
CA GLU E 92 -7.23 13.79 10.32
C GLU E 92 -5.79 13.97 10.80
N LEU E 93 -4.82 13.53 10.00
CA LEU E 93 -3.42 13.71 10.39
C LEU E 93 -3.03 15.18 10.40
N GLN E 94 -3.58 15.96 9.47
CA GLN E 94 -3.30 17.40 9.44
C GLN E 94 -3.88 18.10 10.67
N LYS E 95 -5.12 17.79 11.01
CA LYS E 95 -5.82 18.46 12.10
C LYS E 95 -5.34 17.98 13.46
N PRO F 3 -8.95 21.55 28.59
CA PRO F 3 -7.84 21.11 27.73
C PRO F 3 -8.26 20.02 26.75
N LYS F 4 -7.29 19.50 26.00
CA LYS F 4 -7.58 18.57 24.93
C LYS F 4 -8.25 17.31 25.46
N PRO F 5 -9.10 16.66 24.66
CA PRO F 5 -9.67 15.38 25.08
C PRO F 5 -8.57 14.33 25.22
N ILE F 6 -8.70 13.51 26.27
CA ILE F 6 -7.62 12.59 26.63
C ILE F 6 -7.42 11.53 25.56
N TYR F 7 -8.52 11.00 25.01
CA TYR F 7 -8.42 9.88 24.08
C TYR F 7 -8.89 10.23 22.67
N SER F 8 -9.35 9.22 21.93
CA SER F 8 -9.72 9.36 20.53
C SER F 8 -11.18 9.80 20.39
N TYR F 9 -11.54 10.13 19.15
CA TYR F 9 -12.93 10.48 18.86
C TYR F 9 -13.85 9.26 18.94
N SER F 10 -13.34 8.08 18.57
CA SER F 10 -14.18 6.89 18.58
C SER F 10 -14.61 6.53 19.99
N ILE F 11 -13.71 6.70 20.97
CA ILE F 11 -14.08 6.46 22.36
C ILE F 11 -15.12 7.47 22.82
N LEU F 12 -14.97 8.74 22.40
CA LEU F 12 -15.97 9.75 22.70
C LEU F 12 -17.32 9.40 22.05
N ILE F 13 -17.29 8.94 20.80
CA ILE F 13 -18.50 8.48 20.15
C ILE F 13 -19.05 7.25 20.87
N PHE F 14 -18.17 6.33 21.26
CA PHE F 14 -18.61 5.13 21.96
C PHE F 14 -19.25 5.46 23.31
N MET F 15 -18.78 6.53 23.97
CA MET F 15 -19.39 6.94 25.23
C MET F 15 -20.82 7.45 25.00
N ALA F 16 -21.04 8.20 23.92
CA ALA F 16 -22.37 8.74 23.65
C ALA F 16 -23.36 7.64 23.34
N LEU F 17 -22.95 6.63 22.59
CA LEU F 17 -23.87 5.59 22.14
C LEU F 17 -24.17 4.58 23.25
N LYS F 18 -23.18 4.25 24.08
CA LYS F 18 -23.41 3.29 25.14
C LYS F 18 -24.32 3.83 26.24
N ASN F 19 -24.40 5.16 26.37
CA ASN F 19 -25.30 5.79 27.33
C ASN F 19 -26.68 6.06 26.74
N SER F 20 -26.95 5.59 25.51
CA SER F 20 -28.26 5.70 24.91
C SER F 20 -29.08 4.45 25.23
N LYS F 21 -30.36 4.67 25.56
CA LYS F 21 -31.21 3.54 25.93
C LYS F 21 -31.39 2.56 24.78
N THR F 22 -31.21 3.00 23.54
CA THR F 22 -31.29 2.14 22.37
C THR F 22 -29.94 1.87 21.74
N GLY F 23 -28.85 2.41 22.31
CA GLY F 23 -27.55 2.26 21.70
C GLY F 23 -27.42 2.98 20.37
N SER F 24 -28.30 3.94 20.10
CA SER F 24 -28.34 4.65 18.83
C SER F 24 -28.63 6.11 19.08
N LEU F 25 -27.98 6.99 18.33
CA LEU F 25 -28.15 8.43 18.47
C LEU F 25 -28.02 9.07 17.10
N PRO F 26 -28.71 10.18 16.86
CA PRO F 26 -28.40 11.00 15.69
C PRO F 26 -27.05 11.69 15.87
N VAL F 27 -26.47 12.09 14.74
CA VAL F 27 -25.15 12.74 14.79
C VAL F 27 -25.22 14.04 15.57
N SER F 28 -26.38 14.71 15.56
CA SER F 28 -26.51 15.98 16.27
C SER F 28 -26.45 15.78 17.78
N GLU F 29 -27.02 14.68 18.28
CA GLU F 29 -26.97 14.41 19.71
C GLU F 29 -25.63 13.85 20.16
N ILE F 30 -24.86 13.25 19.25
CA ILE F 30 -23.50 12.85 19.59
C ILE F 30 -22.64 14.10 19.82
N TYR F 31 -22.90 15.16 19.07
CA TYR F 31 -22.25 16.44 19.35
C TYR F 31 -22.64 16.96 20.73
N ASN F 32 -23.95 16.97 21.02
CA ASN F 32 -24.42 17.50 22.30
C ASN F 32 -23.88 16.70 23.47
N PHE F 33 -23.69 15.39 23.29
CA PHE F 33 -23.04 14.61 24.32
C PHE F 33 -21.60 15.05 24.50
N MET F 34 -20.88 15.27 23.39
CA MET F 34 -19.49 15.67 23.52
C MET F 34 -19.34 17.08 24.05
N THR F 35 -20.27 17.97 23.71
CA THR F 35 -20.20 19.33 24.23
C THR F 35 -20.53 19.34 25.72
N GLU F 36 -21.74 18.90 26.09
CA GLU F 36 -22.21 19.04 27.46
C GLU F 36 -21.51 18.11 28.44
N HIS F 37 -20.70 17.17 27.95
CA HIS F 37 -19.87 16.34 28.80
C HIS F 37 -18.39 16.72 28.78
N PHE F 38 -17.91 17.36 27.72
CA PHE F 38 -16.50 17.73 27.59
C PHE F 38 -16.41 19.21 27.27
N PRO F 39 -15.74 20.00 28.12
CA PRO F 39 -15.65 21.46 27.90
C PRO F 39 -15.19 21.86 26.51
N TYR F 40 -14.20 21.14 25.96
CA TYR F 40 -13.53 21.46 24.71
C TYR F 40 -14.45 21.89 23.57
N PHE F 41 -15.29 20.97 23.10
CA PHE F 41 -15.94 21.09 21.81
C PHE F 41 -16.98 22.20 21.72
N LYS F 42 -17.31 22.86 22.84
CA LYS F 42 -18.18 24.02 22.76
C LYS F 42 -17.46 25.17 22.05
N THR F 43 -16.14 25.27 22.22
CA THR F 43 -15.35 26.32 21.59
C THR F 43 -14.25 25.74 20.71
N ALA F 44 -14.36 24.47 20.32
CA ALA F 44 -13.35 23.85 19.49
C ALA F 44 -13.37 24.42 18.07
N PRO F 45 -12.22 24.50 17.41
CA PRO F 45 -12.19 24.99 16.04
C PRO F 45 -12.90 24.03 15.09
N ASP F 46 -13.11 24.50 13.87
CA ASP F 46 -13.80 23.70 12.86
C ASP F 46 -12.99 22.46 12.51
N GLY F 47 -13.65 21.31 12.51
CA GLY F 47 -12.99 20.06 12.19
C GLY F 47 -13.32 18.94 13.14
N TRP F 48 -13.72 19.28 14.36
CA TRP F 48 -14.06 18.24 15.34
C TRP F 48 -15.35 17.53 14.94
N LYS F 49 -16.30 18.24 14.35
CA LYS F 49 -17.51 17.60 13.85
C LYS F 49 -17.20 16.71 12.66
N ASN F 50 -16.29 17.15 11.79
CA ASN F 50 -15.86 16.31 10.67
C ASN F 50 -15.11 15.08 11.18
N SER F 51 -14.34 15.24 12.26
CA SER F 51 -13.63 14.10 12.83
C SER F 51 -14.61 13.08 13.41
N VAL F 52 -15.73 13.55 13.97
CA VAL F 52 -16.74 12.63 14.48
C VAL F 52 -17.39 11.85 13.34
N ARG F 53 -17.72 12.54 12.25
CA ARG F 53 -18.35 11.86 11.11
C ARG F 53 -17.36 10.95 10.40
N HIS F 54 -16.06 11.27 10.45
CA HIS F 54 -15.06 10.38 9.87
C HIS F 54 -14.99 9.06 10.62
N ASN F 55 -14.91 9.12 11.95
CA ASN F 55 -14.81 7.90 12.74
C ASN F 55 -16.09 7.08 12.69
N LEU F 56 -17.25 7.74 12.56
CA LEU F 56 -18.50 7.01 12.44
C LEU F 56 -18.51 6.11 11.21
N SER F 57 -17.97 6.61 10.10
CA SER F 57 -17.93 5.82 8.88
C SER F 57 -16.72 4.89 8.85
N LEU F 58 -15.66 5.23 9.57
CA LEU F 58 -14.41 4.47 9.51
C LEU F 58 -14.36 3.34 10.52
N ASN F 59 -14.98 3.50 11.68
CA ASN F 59 -14.92 2.48 12.73
C ASN F 59 -16.06 1.48 12.55
N LYS F 60 -15.72 0.19 12.60
CA LYS F 60 -16.70 -0.87 12.43
C LYS F 60 -17.61 -1.03 13.64
N CYS F 61 -17.32 -0.37 14.76
CA CYS F 61 -18.20 -0.45 15.92
C CYS F 61 -19.46 0.37 15.73
N PHE F 62 -19.46 1.35 14.83
CA PHE F 62 -20.60 2.22 14.59
C PHE F 62 -21.20 1.89 13.23
N GLU F 63 -22.51 1.64 13.21
CA GLU F 63 -23.21 1.30 11.98
C GLU F 63 -24.37 2.26 11.76
N LYS F 64 -24.58 2.63 10.51
CA LYS F 64 -25.68 3.50 10.12
C LYS F 64 -26.93 2.67 9.89
N VAL F 65 -28.06 3.12 10.45
CA VAL F 65 -29.32 2.40 10.34
C VAL F 65 -30.15 3.00 9.21
N GLU F 66 -30.79 2.14 8.43
CA GLU F 66 -31.60 2.58 7.31
C GLU F 66 -32.45 1.43 6.77
N GLY F 76 -29.72 14.48 9.11
CA GLY F 76 -28.91 13.44 9.73
C GLY F 76 -29.73 12.25 10.19
N CYS F 77 -29.15 11.06 10.04
CA CYS F 77 -29.81 9.81 10.44
C CYS F 77 -29.26 9.35 11.79
N LEU F 78 -29.52 8.10 12.14
CA LEU F 78 -29.09 7.54 13.41
C LEU F 78 -27.93 6.57 13.20
N TRP F 79 -26.96 6.61 14.12
CA TRP F 79 -25.84 5.69 14.14
C TRP F 79 -25.92 4.82 15.38
N ALA F 80 -25.87 3.50 15.18
CA ALA F 80 -26.01 2.54 16.27
C ALA F 80 -24.72 1.78 16.50
N LEU F 81 -24.67 1.05 17.61
CA LEU F 81 -23.53 0.23 17.97
C LEU F 81 -23.66 -1.16 17.36
N ASN F 82 -22.51 -1.77 17.08
CA ASN F 82 -22.46 -3.15 16.62
C ASN F 82 -22.22 -4.04 17.83
N PRO F 83 -23.18 -4.88 18.23
CA PRO F 83 -22.96 -5.74 19.40
C PRO F 83 -21.76 -6.66 19.28
N ALA F 84 -21.37 -7.02 18.05
CA ALA F 84 -20.19 -7.84 17.86
C ALA F 84 -18.90 -7.10 18.16
N LYS F 85 -18.92 -5.76 18.08
CA LYS F 85 -17.74 -4.94 18.32
C LYS F 85 -17.79 -4.21 19.66
N ILE F 86 -18.84 -4.41 20.47
CA ILE F 86 -18.97 -3.67 21.71
C ILE F 86 -17.89 -4.10 22.71
N ASP F 87 -17.69 -5.41 22.86
CA ASP F 87 -16.68 -5.90 23.79
C ASP F 87 -15.29 -5.40 23.41
N LYS F 88 -15.04 -5.14 22.13
CA LYS F 88 -13.73 -4.67 21.71
C LYS F 88 -13.51 -3.21 22.08
N MET F 89 -14.53 -2.38 21.88
CA MET F 89 -14.41 -0.98 22.27
C MET F 89 -14.49 -0.78 23.78
N GLN F 90 -15.21 -1.68 24.47
CA GLN F 90 -15.30 -1.56 25.93
C GLN F 90 -13.94 -1.85 26.58
N GLU F 91 -13.17 -2.76 26.00
CA GLU F 91 -11.81 -3.00 26.50
C GLU F 91 -10.93 -1.78 26.29
N GLU F 92 -11.10 -1.10 25.17
CA GLU F 92 -10.33 0.14 24.92
C GLU F 92 -10.85 1.29 25.78
N LEU F 93 -12.14 1.25 26.13
CA LEU F 93 -12.69 2.30 26.99
C LEU F 93 -12.07 2.27 28.38
N GLN F 94 -11.68 1.08 28.86
CA GLN F 94 -11.02 0.99 30.15
C GLN F 94 -9.70 1.75 30.14
N LYS F 95 -8.94 1.65 29.06
CA LYS F 95 -7.65 2.30 28.95
C LYS F 95 -7.81 3.78 28.61
N SER G 8 -40.07 -20.53 31.57
CA SER G 8 -39.43 -19.23 31.70
C SER G 8 -39.26 -18.86 33.17
N TYR G 9 -38.14 -18.18 33.48
CA TYR G 9 -37.91 -17.74 34.85
C TYR G 9 -38.92 -16.66 35.26
N SER G 10 -39.30 -15.80 34.32
CA SER G 10 -40.28 -14.75 34.62
C SER G 10 -41.64 -15.35 34.97
N ILE G 11 -42.02 -16.44 34.30
CA ILE G 11 -43.27 -17.12 34.63
C ILE G 11 -43.19 -17.71 36.02
N LEU G 12 -42.06 -18.31 36.38
CA LEU G 12 -41.91 -18.92 37.69
C LEU G 12 -41.91 -17.88 38.80
N ILE G 13 -41.23 -16.75 38.57
CA ILE G 13 -41.27 -15.67 39.56
C ILE G 13 -42.67 -15.10 39.65
N PHE G 14 -43.39 -15.03 38.53
CA PHE G 14 -44.74 -14.49 38.54
C PHE G 14 -45.68 -15.36 39.37
N MET G 15 -45.49 -16.68 39.33
CA MET G 15 -46.35 -17.57 40.10
C MET G 15 -46.09 -17.43 41.60
N ALA G 16 -44.82 -17.25 41.99
CA ALA G 16 -44.50 -17.09 43.40
C ALA G 16 -45.14 -15.83 43.97
N LEU G 17 -45.06 -14.73 43.23
CA LEU G 17 -45.66 -13.48 43.71
C LEU G 17 -47.18 -13.51 43.57
N LYS G 18 -47.70 -14.32 42.64
CA LYS G 18 -49.15 -14.40 42.48
C LYS G 18 -49.80 -15.11 43.66
N ASN G 19 -49.09 -16.04 44.30
CA ASN G 19 -49.60 -16.78 45.45
C ASN G 19 -49.33 -16.08 46.77
N SER G 20 -48.81 -14.86 46.75
CA SER G 20 -48.62 -14.08 47.96
C SER G 20 -49.86 -13.20 48.19
N LYS G 21 -50.37 -13.23 49.43
CA LYS G 21 -51.55 -12.44 49.75
C LYS G 21 -51.31 -10.95 49.54
N THR G 22 -50.05 -10.51 49.54
CA THR G 22 -49.70 -9.12 49.29
C THR G 22 -49.11 -8.90 47.91
N GLY G 23 -48.89 -9.96 47.14
CA GLY G 23 -48.29 -9.81 45.84
C GLY G 23 -46.81 -9.48 45.86
N SER G 24 -46.15 -9.69 46.99
CA SER G 24 -44.74 -9.37 47.13
C SER G 24 -44.09 -10.40 48.06
N LEU G 25 -42.86 -10.78 47.74
CA LEU G 25 -42.10 -11.74 48.51
C LEU G 25 -40.63 -11.34 48.51
N PRO G 26 -39.90 -11.70 49.56
CA PRO G 26 -38.44 -11.51 49.54
C PRO G 26 -37.79 -12.50 48.58
N VAL G 27 -36.53 -12.22 48.26
CA VAL G 27 -35.81 -13.07 47.30
C VAL G 27 -35.70 -14.49 47.83
N SER G 28 -35.53 -14.64 49.14
CA SER G 28 -35.36 -15.98 49.71
C SER G 28 -36.64 -16.81 49.59
N GLU G 29 -37.80 -16.17 49.77
CA GLU G 29 -39.06 -16.91 49.64
C GLU G 29 -39.38 -17.26 48.20
N ILE G 30 -38.92 -16.44 47.25
CA ILE G 30 -39.09 -16.78 45.84
C ILE G 30 -38.31 -18.04 45.51
N TYR G 31 -37.13 -18.21 46.12
CA TYR G 31 -36.36 -19.43 45.93
C TYR G 31 -37.13 -20.66 46.42
N ASN G 32 -37.72 -20.55 47.62
CA ASN G 32 -38.42 -21.70 48.21
C ASN G 32 -39.64 -22.10 47.41
N PHE G 33 -40.25 -21.15 46.69
CA PHE G 33 -41.43 -21.47 45.89
C PHE G 33 -41.08 -22.41 44.75
N MET G 34 -40.02 -22.11 44.01
CA MET G 34 -39.64 -22.95 42.87
C MET G 34 -39.13 -24.30 43.33
N THR G 35 -38.41 -24.34 44.45
CA THR G 35 -37.91 -25.61 44.96
C THR G 35 -39.05 -26.50 45.45
N GLU G 36 -40.09 -25.90 46.04
CA GLU G 36 -41.18 -26.69 46.59
C GLU G 36 -42.11 -27.20 45.49
N HIS G 37 -42.45 -26.34 44.53
CA HIS G 37 -43.37 -26.72 43.46
C HIS G 37 -42.68 -27.33 42.26
N PHE G 38 -41.37 -27.14 42.11
CA PHE G 38 -40.60 -27.71 41.00
C PHE G 38 -39.34 -28.33 41.57
N PRO G 39 -39.36 -29.64 41.86
CA PRO G 39 -38.19 -30.30 42.44
C PRO G 39 -36.93 -30.24 41.57
N TYR G 40 -37.05 -29.75 40.33
CA TYR G 40 -35.87 -29.67 39.47
C TYR G 40 -34.86 -28.64 39.97
N PHE G 41 -35.32 -27.61 40.69
CA PHE G 41 -34.41 -26.58 41.17
C PHE G 41 -33.73 -26.96 42.49
N LYS G 42 -34.16 -28.03 43.14
CA LYS G 42 -33.45 -28.49 44.33
C LYS G 42 -32.05 -29.00 43.98
N THR G 43 -31.86 -29.55 42.79
CA THR G 43 -30.57 -30.05 42.34
C THR G 43 -30.12 -29.39 41.05
N ALA G 44 -30.69 -28.23 40.70
CA ALA G 44 -30.30 -27.53 39.49
C ALA G 44 -28.88 -26.99 39.64
N PRO G 45 -28.14 -26.85 38.54
CA PRO G 45 -26.78 -26.33 38.62
C PRO G 45 -26.75 -24.90 39.17
N ASP G 46 -25.59 -24.53 39.71
CA ASP G 46 -25.41 -23.21 40.31
C ASP G 46 -25.53 -22.14 39.22
N GLY G 47 -26.65 -21.42 39.22
CA GLY G 47 -26.88 -20.40 38.22
C GLY G 47 -28.33 -19.99 38.12
N TRP G 48 -29.24 -20.87 38.55
CA TRP G 48 -30.66 -20.55 38.50
C TRP G 48 -31.03 -19.48 39.52
N LYS G 49 -30.34 -19.44 40.66
CA LYS G 49 -30.56 -18.37 41.63
C LYS G 49 -30.18 -17.02 41.04
N ASN G 50 -29.11 -16.98 40.24
CA ASN G 50 -28.71 -15.73 39.59
C ASN G 50 -29.62 -15.40 38.43
N SER G 51 -30.17 -16.42 37.75
CA SER G 51 -31.13 -16.18 36.69
C SER G 51 -32.39 -15.51 37.23
N VAL G 52 -32.80 -15.88 38.45
CA VAL G 52 -33.96 -15.27 39.07
C VAL G 52 -33.69 -13.79 39.35
N ARG G 53 -32.56 -13.48 39.98
CA ARG G 53 -32.24 -12.09 40.29
C ARG G 53 -32.12 -11.26 39.02
N HIS G 54 -31.62 -11.86 37.94
CA HIS G 54 -31.57 -11.15 36.66
C HIS G 54 -32.96 -10.85 36.13
N ASN G 55 -33.86 -11.83 36.20
CA ASN G 55 -35.22 -11.63 35.71
C ASN G 55 -36.00 -10.67 36.60
N LEU G 56 -35.69 -10.63 37.90
CA LEU G 56 -36.37 -9.69 38.78
C LEU G 56 -36.08 -8.25 38.37
N SER G 57 -34.84 -7.97 37.98
CA SER G 57 -34.44 -6.63 37.57
C SER G 57 -34.79 -6.32 36.12
N LEU G 58 -34.69 -7.30 35.23
CA LEU G 58 -34.90 -7.05 33.81
C LEU G 58 -36.38 -6.94 33.46
N ASN G 59 -37.26 -7.63 34.19
CA ASN G 59 -38.68 -7.66 33.86
C ASN G 59 -39.40 -6.51 34.55
N LYS G 60 -40.24 -5.80 33.80
CA LYS G 60 -40.99 -4.68 34.34
C LYS G 60 -42.09 -5.10 35.30
N CYS G 61 -42.56 -6.35 35.20
CA CYS G 61 -43.65 -6.79 36.06
C CYS G 61 -43.23 -6.88 37.53
N PHE G 62 -41.94 -7.00 37.80
CA PHE G 62 -41.43 -7.11 39.16
C PHE G 62 -40.77 -5.79 39.55
N GLU G 63 -41.21 -5.23 40.68
CA GLU G 63 -40.70 -3.97 41.17
C GLU G 63 -40.27 -4.11 42.62
N LYS G 64 -39.13 -3.52 42.97
CA LYS G 64 -38.61 -3.58 44.31
C LYS G 64 -39.18 -2.46 45.17
N VAL G 65 -39.56 -2.78 46.40
CA VAL G 65 -40.15 -1.84 47.34
C VAL G 65 -39.07 -1.34 48.28
N GLU G 66 -39.12 -0.04 48.59
CA GLU G 66 -38.17 0.57 49.52
C GLU G 66 -38.89 1.24 50.69
N GLY G 76 -32.79 -10.35 52.65
CA GLY G 76 -33.25 -9.89 51.35
C GLY G 76 -34.32 -8.82 51.45
N CYS G 77 -34.52 -8.08 50.36
CA CYS G 77 -35.51 -7.03 50.32
C CYS G 77 -36.88 -7.59 49.95
N LEU G 78 -37.68 -6.81 49.23
CA LEU G 78 -39.03 -7.22 48.83
C LEU G 78 -39.27 -6.87 47.37
N TRP G 79 -39.76 -7.83 46.60
CA TRP G 79 -40.10 -7.65 45.20
C TRP G 79 -41.60 -7.83 45.02
N ALA G 80 -42.24 -6.85 44.40
CA ALA G 80 -43.69 -6.85 44.24
C ALA G 80 -44.06 -6.88 42.76
N LEU G 81 -45.31 -7.25 42.49
CA LEU G 81 -45.84 -7.22 41.14
C LEU G 81 -46.28 -5.81 40.77
N ASN G 82 -46.23 -5.51 39.47
CA ASN G 82 -46.79 -4.27 38.97
C ASN G 82 -48.18 -4.55 38.45
N PRO G 83 -49.24 -3.98 39.06
CA PRO G 83 -50.60 -4.28 38.59
C PRO G 83 -50.84 -3.92 37.14
N ALA G 84 -50.08 -2.99 36.57
CA ALA G 84 -50.24 -2.65 35.16
C ALA G 84 -49.72 -3.75 34.24
N LYS G 85 -48.83 -4.61 34.73
CA LYS G 85 -48.23 -5.66 33.93
C LYS G 85 -48.76 -7.05 34.26
N ILE G 86 -49.69 -7.17 35.20
CA ILE G 86 -50.19 -8.48 35.60
C ILE G 86 -51.02 -9.11 34.50
N ASP G 87 -51.92 -8.34 33.88
CA ASP G 87 -52.71 -8.86 32.77
C ASP G 87 -51.83 -9.34 31.63
N LYS G 88 -50.68 -8.70 31.43
CA LYS G 88 -49.78 -9.10 30.36
C LYS G 88 -49.06 -10.41 30.70
N MET G 89 -48.56 -10.53 31.93
CA MET G 89 -47.91 -11.76 32.34
C MET G 89 -48.91 -12.89 32.60
N GLN G 90 -50.18 -12.57 32.83
CA GLN G 90 -51.17 -13.61 33.03
C GLN G 90 -51.40 -14.42 31.75
N GLU G 91 -51.45 -13.74 30.61
CA GLU G 91 -51.56 -14.46 29.33
C GLU G 91 -50.36 -15.37 29.13
N GLU G 92 -49.17 -14.93 29.52
CA GLU G 92 -47.98 -15.76 29.38
C GLU G 92 -47.97 -16.90 30.40
N LEU G 93 -48.63 -16.71 31.54
CA LEU G 93 -48.78 -17.81 32.49
C LEU G 93 -49.65 -18.91 31.90
N GLN G 94 -50.74 -18.55 31.25
CA GLN G 94 -51.50 -19.50 30.46
C GLN G 94 -50.67 -19.91 29.24
N LYS G 95 -51.29 -20.72 28.36
CA LYS G 95 -50.65 -21.31 27.19
C LYS G 95 -49.22 -21.77 27.49
N TRP G 96 -48.99 -22.25 28.71
CA TRP G 96 -47.66 -22.64 29.16
C TRP G 96 -47.73 -23.93 29.97
N SER H 8 -36.37 -19.52 27.02
CA SER H 8 -36.97 -18.21 27.22
C SER H 8 -37.09 -17.44 25.91
N TYR H 9 -38.20 -16.73 25.75
CA TYR H 9 -38.39 -15.92 24.54
C TYR H 9 -37.46 -14.71 24.54
N SER H 10 -37.12 -14.18 25.71
CA SER H 10 -36.19 -13.06 25.78
C SER H 10 -34.80 -13.45 25.30
N ILE H 11 -34.39 -14.69 25.54
CA ILE H 11 -33.08 -15.14 25.07
C ILE H 11 -33.07 -15.24 23.55
N LEU H 12 -34.17 -15.73 22.97
CA LEU H 12 -34.25 -15.82 21.51
C LEU H 12 -34.27 -14.44 20.86
N ILE H 13 -34.95 -13.48 21.50
CA ILE H 13 -34.93 -12.11 21.00
C ILE H 13 -33.54 -11.51 21.15
N PHE H 14 -32.85 -11.84 22.24
CA PHE H 14 -31.52 -11.27 22.49
C PHE H 14 -30.53 -11.71 21.42
N MET H 15 -30.60 -12.98 21.00
CA MET H 15 -29.70 -13.45 19.95
C MET H 15 -30.04 -12.82 18.60
N ALA H 16 -31.34 -12.59 18.33
CA ALA H 16 -31.74 -11.98 17.08
C ALA H 16 -31.18 -10.56 16.96
N LEU H 17 -31.34 -9.76 18.01
CA LEU H 17 -30.83 -8.40 17.97
C LEU H 17 -29.30 -8.36 18.05
N LYS H 18 -28.70 -9.34 18.71
CA LYS H 18 -27.24 -9.38 18.77
C LYS H 18 -26.63 -9.77 17.43
N ASN H 19 -27.37 -10.51 16.61
CA ASN H 19 -26.94 -10.87 15.26
C ASN H 19 -27.22 -9.78 14.24
N SER H 20 -27.54 -8.56 14.69
CA SER H 20 -27.78 -7.43 13.81
C SER H 20 -26.62 -6.46 13.92
N LYS H 21 -26.11 -6.03 12.77
CA LYS H 21 -25.02 -5.04 12.76
C LYS H 21 -25.45 -3.76 13.46
N THR H 22 -26.71 -3.35 13.27
CA THR H 22 -27.26 -2.19 13.97
C THR H 22 -27.68 -2.50 15.39
N GLY H 23 -27.65 -3.76 15.80
CA GLY H 23 -28.15 -4.12 17.12
C GLY H 23 -29.65 -3.97 17.28
N SER H 24 -30.37 -3.73 16.18
CA SER H 24 -31.82 -3.55 16.22
C SER H 24 -32.43 -4.20 14.99
N LEU H 25 -33.66 -4.67 15.15
CA LEU H 25 -34.41 -5.32 14.09
C LEU H 25 -35.87 -4.92 14.18
N PRO H 26 -36.55 -4.78 13.05
CA PRO H 26 -38.01 -4.64 13.09
C PRO H 26 -38.66 -5.94 13.57
N VAL H 27 -39.90 -5.81 14.03
CA VAL H 27 -40.59 -6.96 14.62
C VAL H 27 -40.74 -8.08 13.60
N SER H 28 -41.00 -7.73 12.34
CA SER H 28 -41.18 -8.74 11.31
C SER H 28 -39.92 -9.55 11.07
N GLU H 29 -38.75 -8.92 11.21
CA GLU H 29 -37.49 -9.64 11.04
C GLU H 29 -37.10 -10.43 12.28
N ILE H 30 -37.63 -10.07 13.45
CA ILE H 30 -37.40 -10.90 14.64
C ILE H 30 -38.15 -12.21 14.53
N TYR H 31 -39.31 -12.21 13.88
CA TYR H 31 -40.06 -13.45 13.68
C TYR H 31 -39.31 -14.39 12.75
N ASN H 32 -38.76 -13.86 11.66
CA ASN H 32 -38.08 -14.72 10.68
C ASN H 32 -36.82 -15.34 11.26
N PHE H 33 -36.10 -14.60 12.12
CA PHE H 33 -34.89 -15.14 12.73
C PHE H 33 -35.20 -16.36 13.59
N MET H 34 -36.27 -16.30 14.37
CA MET H 34 -36.59 -17.39 15.30
C MET H 34 -37.02 -18.64 14.56
N THR H 35 -37.76 -18.49 13.46
CA THR H 35 -38.25 -19.66 12.73
C THR H 35 -37.14 -20.37 11.98
N GLU H 36 -36.15 -19.62 11.48
CA GLU H 36 -35.08 -20.23 10.71
C GLU H 36 -34.09 -20.98 11.60
N HIS H 37 -33.52 -20.29 12.60
CA HIS H 37 -32.54 -20.92 13.48
C HIS H 37 -33.16 -21.88 14.47
N PHE H 38 -34.46 -21.75 14.74
CA PHE H 38 -35.17 -22.67 15.64
C PHE H 38 -36.43 -23.13 14.94
N PRO H 39 -36.42 -24.31 14.30
CA PRO H 39 -37.57 -24.74 13.49
C PRO H 39 -38.82 -25.06 14.30
N TYR H 40 -38.78 -24.93 15.63
CA TYR H 40 -39.97 -25.19 16.43
C TYR H 40 -41.08 -24.19 16.14
N PHE H 41 -40.72 -22.94 15.82
CA PHE H 41 -41.72 -21.91 15.58
C PHE H 41 -42.29 -21.96 14.16
N LYS H 42 -41.74 -22.79 13.29
CA LYS H 42 -42.35 -22.96 11.97
C LYS H 42 -43.70 -23.65 12.07
N THR H 43 -43.91 -24.44 13.12
CA THR H 43 -45.18 -25.12 13.35
C THR H 43 -45.68 -24.97 14.78
N ALA H 44 -45.13 -24.02 15.54
CA ALA H 44 -45.55 -23.82 16.91
C ALA H 44 -46.98 -23.31 16.96
N PRO H 45 -47.68 -23.54 18.07
CA PRO H 45 -49.02 -22.98 18.24
C PRO H 45 -49.00 -21.46 18.11
N ASP H 46 -50.17 -20.92 17.78
CA ASP H 46 -50.41 -19.48 17.58
C ASP H 46 -50.07 -18.61 18.82
N GLY H 47 -49.41 -19.03 19.90
CA GLY H 47 -49.17 -18.12 21.01
C GLY H 47 -47.78 -17.49 21.04
N TRP H 48 -46.87 -18.00 20.20
CA TRP H 48 -45.51 -17.48 20.21
C TRP H 48 -45.42 -16.09 19.59
N LYS H 49 -46.37 -15.72 18.74
CA LYS H 49 -46.31 -14.41 18.10
C LYS H 49 -46.43 -13.28 19.12
N ASN H 50 -47.43 -13.35 20.00
CA ASN H 50 -47.62 -12.32 21.00
C ASN H 50 -46.70 -12.48 22.20
N SER H 51 -46.12 -13.66 22.40
CA SER H 51 -45.14 -13.82 23.46
C SER H 51 -43.86 -13.03 23.17
N VAL H 52 -43.51 -12.87 21.90
CA VAL H 52 -42.35 -12.07 21.53
C VAL H 52 -42.60 -10.60 21.82
N ARG H 53 -43.76 -10.09 21.38
CA ARG H 53 -44.10 -8.69 21.62
C ARG H 53 -44.22 -8.41 23.11
N HIS H 54 -44.66 -9.40 23.90
CA HIS H 54 -44.76 -9.21 25.35
C HIS H 54 -43.37 -9.08 25.98
N ASN H 55 -42.42 -9.91 25.56
CA ASN H 55 -41.08 -9.84 26.13
C ASN H 55 -40.35 -8.57 25.71
N LEU H 56 -40.67 -8.04 24.53
CA LEU H 56 -40.02 -6.80 24.07
C LEU H 56 -40.34 -5.64 25.01
N SER H 57 -41.58 -5.57 25.49
CA SER H 57 -41.96 -4.46 26.36
C SER H 57 -41.59 -4.73 27.81
N LEU H 58 -41.75 -5.98 28.27
CA LEU H 58 -41.52 -6.28 29.67
C LEU H 58 -40.04 -6.29 30.03
N ASN H 59 -39.17 -6.67 29.10
CA ASN H 59 -37.74 -6.76 29.36
C ASN H 59 -37.08 -5.39 29.13
N LYS H 60 -36.29 -4.95 30.10
CA LYS H 60 -35.59 -3.68 29.98
C LYS H 60 -34.46 -3.74 28.96
N CYS H 61 -34.05 -4.94 28.56
CA CYS H 61 -32.95 -5.08 27.60
C CYS H 61 -33.35 -4.61 26.20
N PHE H 62 -34.64 -4.60 25.90
CA PHE H 62 -35.15 -4.20 24.59
C PHE H 62 -35.81 -2.84 24.71
N GLU H 63 -35.51 -1.94 23.78
CA GLU H 63 -36.05 -0.58 23.79
C GLU H 63 -36.49 -0.22 22.39
N LYS H 64 -37.72 0.31 22.27
CA LYS H 64 -38.22 0.78 20.99
C LYS H 64 -37.64 2.16 20.67
N VAL H 65 -37.29 2.36 19.41
CA VAL H 65 -36.72 3.61 18.93
C VAL H 65 -37.69 4.25 17.95
N GLU H 66 -37.85 5.56 18.06
CA GLU H 66 -38.76 6.29 17.18
C GLU H 66 -38.01 7.36 16.39
N GLY H 76 -43.80 -1.99 10.35
CA GLY H 76 -43.25 -2.33 11.65
C GLY H 76 -42.25 -1.31 12.15
N CYS H 77 -42.12 -1.21 13.47
CA CYS H 77 -41.20 -0.28 14.10
C CYS H 77 -39.82 -0.94 14.23
N LEU H 78 -39.01 -0.48 15.18
CA LEU H 78 -37.68 -1.03 15.41
C LEU H 78 -37.47 -1.24 16.90
N TRP H 79 -36.80 -2.35 17.24
CA TRP H 79 -36.49 -2.70 18.63
C TRP H 79 -34.99 -2.88 18.76
N ALA H 80 -34.37 -2.10 19.63
CA ALA H 80 -32.92 -2.10 19.82
C ALA H 80 -32.56 -2.66 21.19
N LEU H 81 -31.28 -2.96 21.35
CA LEU H 81 -30.73 -3.42 22.62
C LEU H 81 -30.32 -2.24 23.48
N ASN H 82 -30.45 -2.41 24.80
CA ASN H 82 -29.95 -1.43 25.75
C ASN H 82 -28.53 -1.84 26.14
N PRO H 83 -27.51 -1.05 25.80
CA PRO H 83 -26.13 -1.46 26.11
C PRO H 83 -25.88 -1.71 27.59
N ALA H 84 -26.65 -1.08 28.47
CA ALA H 84 -26.48 -1.29 29.91
C ALA H 84 -27.01 -2.65 30.37
N LYS H 85 -27.78 -3.35 29.55
CA LYS H 85 -28.36 -4.62 29.91
C LYS H 85 -27.84 -5.78 29.07
N ILE H 86 -26.88 -5.54 28.18
CA ILE H 86 -26.38 -6.61 27.31
C ILE H 86 -25.58 -7.63 28.11
N ASP H 87 -24.74 -7.16 29.03
CA ASP H 87 -23.93 -8.09 29.82
C ASP H 87 -24.79 -8.99 30.69
N LYS H 88 -25.95 -8.50 31.13
CA LYS H 88 -26.84 -9.34 31.94
C LYS H 88 -27.50 -10.41 31.09
N MET H 89 -27.97 -10.06 29.89
CA MET H 89 -28.59 -11.06 29.02
C MET H 89 -27.55 -11.97 28.38
N GLN H 90 -26.33 -11.49 28.20
CA GLN H 90 -25.28 -12.36 27.67
C GLN H 90 -24.91 -13.45 28.69
N GLU H 91 -24.83 -13.07 29.97
CA GLU H 91 -24.55 -14.07 31.00
C GLU H 91 -25.67 -15.11 31.07
N GLU H 92 -26.92 -14.68 30.83
CA GLU H 92 -28.03 -15.64 30.79
C GLU H 92 -27.97 -16.52 29.56
N LEU H 93 -27.37 -16.04 28.47
CA LEU H 93 -27.23 -16.87 27.27
C LEU H 93 -26.26 -18.02 27.49
N GLN H 94 -25.20 -17.79 28.27
CA GLN H 94 -24.20 -18.82 28.49
C GLN H 94 -24.80 -20.04 29.17
N LYS H 95 -25.64 -19.82 30.20
CA LYS H 95 -26.27 -20.92 30.91
C LYS H 95 -27.27 -21.66 30.01
N TRP H 96 -27.92 -20.95 29.10
CA TRP H 96 -28.89 -21.53 28.19
C TRP H 96 -28.21 -22.38 27.12
K K I . 35.75 11.35 -26.54
K K J . 13.66 8.85 -11.43
K K K . 37.02 6.99 -36.15
K K L . 9.17 -0.43 -9.12
K K M . -10.13 -3.49 9.05
K K N . -18.85 2.35 9.93
K K O . -37.51 -4.71 37.45
K K P . -38.92 -2.71 27.08
#